data_4QEB
#
_entry.id   4QEB
#
_cell.length_a   101.250
_cell.length_b   105.230
_cell.length_c   139.960
_cell.angle_alpha   90.00
_cell.angle_beta   90.00
_cell.angle_gamma   90.00
#
_symmetry.space_group_name_H-M   'P 21 21 21'
#
loop_
_entity.id
_entity.type
_entity.pdbx_description
1 polymer 'm7GpppX diphosphatase'
2 non-polymer 'PHOSPHATE ION'
3 non-polymer '3-{[(2,4-diaminoquinazolin-5-yl)oxy]methyl}benzenesulfonic acid'
#
_entity_poly.entity_id   1
_entity_poly.type   'polypeptide(L)'
_entity_poly.pdbx_seq_one_letter_code
;GADAAPQLGKRKRELDVEEAHAASTEEKEAGVGNGTCAPVRLPFSGFRLQKVLRESARDKIIFLHGKVNEASGDGDGEDA
VVILEKTPFQVEQVAQLLTGSPELQLQFSNDIYSTYHLFPPRQLNDVKTTVVYPATEKHLQKYLRQDLRLIRETGDDYRN
ITLPHLESQSLSIQWVYNILDKKAEADRIVFENPDPSDGFVLIPDLKWNQQQLDDLYLIAICHRRGIRSLRDLTPEHLPL
LRNILHQGQEAILQRYRMKGDHLRVYLHYLPSYYHLHVHFTALGFEAPGSGVERAHLLAEVIENLECDPRHYQQRTLTFA
LRADDPLLKLLQEAQQS
;
_entity_poly.pdbx_strand_id   A,B,C,D
#
# COMPACT_ATOMS: atom_id res chain seq x y z
N VAL A 40 -8.68 51.74 -16.61
CA VAL A 40 -9.65 51.07 -17.46
C VAL A 40 -10.54 50.09 -16.66
N ARG A 41 -11.62 49.57 -17.29
CA ARG A 41 -12.54 48.61 -16.70
C ARG A 41 -12.47 47.28 -17.46
N LEU A 42 -13.19 46.26 -16.95
CA LEU A 42 -13.32 44.93 -17.50
C LEU A 42 -13.84 44.96 -18.97
N PRO A 43 -13.55 43.88 -19.75
CA PRO A 43 -13.99 43.83 -21.18
C PRO A 43 -15.50 43.81 -21.40
N PHE A 44 -16.24 43.38 -20.35
CA PHE A 44 -17.69 43.25 -20.31
C PHE A 44 -18.33 44.27 -19.34
N SER A 45 -19.57 43.99 -18.93
CA SER A 45 -20.34 44.80 -17.99
C SER A 45 -20.81 43.95 -16.81
N GLY A 46 -20.06 44.02 -15.72
CA GLY A 46 -20.37 43.30 -14.48
C GLY A 46 -20.14 41.81 -14.50
N PHE A 47 -19.68 41.29 -13.36
CA PHE A 47 -19.37 39.89 -13.15
C PHE A 47 -20.39 39.25 -12.22
N ARG A 48 -20.67 37.95 -12.44
CA ARG A 48 -21.64 37.17 -11.65
C ARG A 48 -20.99 35.81 -11.40
N LEU A 49 -20.24 35.68 -10.29
CA LEU A 49 -19.50 34.47 -9.92
C LEU A 49 -20.36 33.22 -9.92
N GLN A 50 -19.96 32.27 -10.76
CA GLN A 50 -20.62 30.98 -10.97
C GLN A 50 -20.04 29.92 -10.03
N LYS A 51 -18.75 29.55 -10.25
CA LYS A 51 -18.02 28.54 -9.49
C LYS A 51 -16.57 28.97 -9.41
N VAL A 52 -15.82 28.47 -8.41
CA VAL A 52 -14.39 28.76 -8.26
C VAL A 52 -13.64 27.57 -8.89
N LEU A 53 -12.87 27.81 -9.98
CA LEU A 53 -12.15 26.76 -10.73
C LEU A 53 -11.01 26.11 -9.92
N ARG A 54 -10.13 26.95 -9.33
CA ARG A 54 -8.94 26.56 -8.57
C ARG A 54 -8.66 27.66 -7.49
N GLU A 55 -8.11 27.25 -6.32
CA GLU A 55 -7.74 28.15 -5.23
C GLU A 55 -6.57 27.55 -4.45
N SER A 56 -5.33 27.94 -4.87
CA SER A 56 -4.08 27.51 -4.25
C SER A 56 -3.61 28.57 -3.25
N ALA A 57 -3.79 28.25 -1.94
CA ALA A 57 -3.41 29.06 -0.78
C ALA A 57 -1.87 29.17 -0.67
N ARG A 58 -1.15 28.11 -1.11
CA ARG A 58 0.32 28.02 -1.13
C ARG A 58 0.89 28.96 -2.20
N ASP A 59 0.19 29.06 -3.37
CA ASP A 59 0.56 29.87 -4.54
C ASP A 59 -0.01 31.30 -4.54
N LYS A 60 -1.00 31.59 -3.66
CA LYS A 60 -1.69 32.89 -3.51
C LYS A 60 -2.32 33.34 -4.84
N ILE A 61 -3.19 32.47 -5.40
CA ILE A 61 -3.88 32.65 -6.69
C ILE A 61 -5.32 32.13 -6.59
N ILE A 62 -6.26 32.78 -7.32
CA ILE A 62 -7.67 32.39 -7.39
C ILE A 62 -8.18 32.38 -8.86
N PHE A 63 -8.88 31.29 -9.25
CA PHE A 63 -9.45 31.06 -10.57
C PHE A 63 -10.97 31.07 -10.40
N LEU A 64 -11.64 32.02 -11.09
CA LEU A 64 -13.10 32.21 -10.97
C LEU A 64 -13.80 32.27 -12.31
N HIS A 65 -15.00 31.68 -12.37
CA HIS A 65 -15.84 31.68 -13.55
C HIS A 65 -17.05 32.55 -13.25
N GLY A 66 -17.44 33.36 -14.22
CA GLY A 66 -18.59 34.25 -14.09
C GLY A 66 -19.26 34.63 -15.38
N LYS A 67 -20.60 34.57 -15.38
CA LYS A 67 -21.48 34.94 -16.49
C LYS A 67 -21.57 36.47 -16.58
N VAL A 68 -21.46 37.02 -17.80
CA VAL A 68 -21.43 38.46 -18.06
C VAL A 68 -22.44 38.90 -19.17
N GLU A 78 -23.46 36.04 -21.49
CA GLU A 78 -22.33 35.20 -21.92
C GLU A 78 -21.44 34.73 -20.74
N ASP A 79 -20.29 34.04 -21.02
CA ASP A 79 -19.32 33.51 -20.03
C ASP A 79 -17.96 34.24 -20.02
N ALA A 80 -17.26 34.28 -18.84
CA ALA A 80 -15.94 34.91 -18.67
C ALA A 80 -15.15 34.39 -17.47
N VAL A 81 -13.94 33.87 -17.72
CA VAL A 81 -13.06 33.38 -16.63
C VAL A 81 -12.08 34.48 -16.20
N VAL A 82 -12.06 34.78 -14.89
CA VAL A 82 -11.17 35.79 -14.28
C VAL A 82 -10.21 35.13 -13.30
N ILE A 83 -8.91 35.44 -13.41
CA ILE A 83 -7.83 34.92 -12.57
C ILE A 83 -7.13 36.08 -11.86
N LEU A 84 -6.90 35.95 -10.53
CA LEU A 84 -6.22 36.94 -9.70
C LEU A 84 -4.99 36.31 -9.05
N GLU A 85 -3.82 36.94 -9.20
CA GLU A 85 -2.58 36.43 -8.62
C GLU A 85 -1.90 37.51 -7.80
N LYS A 86 -1.61 37.23 -6.51
CA LYS A 86 -0.89 38.16 -5.64
C LYS A 86 0.55 38.25 -6.16
N THR A 87 0.97 39.45 -6.59
CA THR A 87 2.29 39.68 -7.19
C THR A 87 3.47 39.42 -6.24
N PRO A 88 4.55 38.71 -6.69
CA PRO A 88 5.70 38.51 -5.80
C PRO A 88 6.49 39.81 -5.61
N PHE A 89 6.92 40.05 -4.35
CA PHE A 89 7.65 41.22 -3.82
C PHE A 89 8.82 41.68 -4.67
N GLN A 90 9.17 42.98 -4.55
CA GLN A 90 10.31 43.55 -5.26
C GLN A 90 11.29 44.17 -4.30
N VAL A 91 12.49 43.58 -4.24
CA VAL A 91 13.63 43.94 -3.41
C VAL A 91 13.63 45.40 -2.96
N GLU A 92 13.57 46.35 -3.93
CA GLU A 92 13.57 47.79 -3.72
C GLU A 92 12.36 48.33 -2.94
N GLN A 93 11.16 48.24 -3.55
CA GLN A 93 9.89 48.73 -3.00
C GLN A 93 9.58 48.17 -1.61
N VAL A 94 10.21 47.04 -1.23
CA VAL A 94 10.07 46.45 0.11
C VAL A 94 11.10 47.07 1.08
N ALA A 95 12.41 47.09 0.70
CA ALA A 95 13.51 47.67 1.50
C ALA A 95 13.27 49.13 1.88
N GLN A 96 12.72 49.91 0.93
CA GLN A 96 12.38 51.34 1.04
C GLN A 96 11.28 51.61 2.10
N LEU A 97 10.22 50.79 2.11
CA LEU A 97 9.13 50.89 3.07
C LEU A 97 9.58 50.41 4.47
N LEU A 98 10.56 49.48 4.51
CA LEU A 98 11.14 48.91 5.73
C LEU A 98 11.89 49.94 6.59
N THR A 99 12.79 50.72 5.96
CA THR A 99 13.57 51.76 6.64
C THR A 99 12.68 52.94 7.12
N GLY A 100 11.40 52.91 6.73
CA GLY A 100 10.39 53.89 7.11
C GLY A 100 9.51 53.45 8.27
N SER A 101 8.29 54.04 8.35
CA SER A 101 7.30 53.75 9.38
C SER A 101 6.08 53.01 8.79
N PRO A 102 6.11 51.66 8.76
CA PRO A 102 4.97 50.92 8.18
C PRO A 102 3.83 50.62 9.15
N GLU A 103 2.66 50.27 8.59
CA GLU A 103 1.46 49.92 9.36
C GLU A 103 1.58 48.44 9.75
N LEU A 104 1.71 48.17 11.06
CA LEU A 104 1.79 46.80 11.59
C LEU A 104 0.73 46.57 12.67
N GLN A 105 0.12 45.35 12.68
CA GLN A 105 -0.90 44.94 13.65
C GLN A 105 -0.52 43.55 14.21
N LEU A 106 -0.06 43.50 15.48
CA LEU A 106 0.40 42.27 16.15
C LEU A 106 -0.66 41.15 16.21
N GLN A 107 -0.37 40.03 15.53
CA GLN A 107 -1.25 38.87 15.57
C GLN A 107 -0.96 38.14 16.90
N PHE A 108 0.33 37.76 17.12
CA PHE A 108 0.87 37.09 18.32
C PHE A 108 2.36 37.47 18.61
N SER A 109 2.91 37.03 19.78
CA SER A 109 4.29 37.26 20.25
C SER A 109 4.77 36.14 21.24
N ASN A 110 5.89 35.46 20.90
CA ASN A 110 6.49 34.35 21.67
C ASN A 110 7.86 34.72 22.27
N ILE A 112 10.83 34.15 20.92
CA ILE A 112 10.88 35.49 20.33
C ILE A 112 10.13 35.57 18.96
N TYR A 113 9.20 34.61 18.69
CA TYR A 113 8.39 34.54 17.46
C TYR A 113 7.16 35.52 17.47
N SER A 114 7.21 36.66 16.72
CA SER A 114 6.10 37.61 16.64
C SER A 114 5.63 37.88 15.19
N THR A 115 4.32 37.70 14.92
CA THR A 115 3.73 37.93 13.59
C THR A 115 2.92 39.23 13.55
N TYR A 116 2.87 39.87 12.36
CA TYR A 116 2.15 41.14 12.13
C TYR A 116 1.30 41.12 10.86
N HIS A 117 0.23 41.91 10.85
CA HIS A 117 -0.66 42.11 9.70
C HIS A 117 -0.28 43.47 9.12
N LEU A 118 0.25 43.49 7.88
CA LEU A 118 0.75 44.72 7.24
C LEU A 118 -0.11 45.25 6.09
N PHE A 119 -0.15 46.59 5.93
CA PHE A 119 -0.89 47.27 4.87
C PHE A 119 0.04 48.25 4.14
N PRO A 120 0.59 47.84 2.97
CA PRO A 120 1.55 48.71 2.25
C PRO A 120 0.92 49.72 1.26
N PRO A 121 1.71 50.72 0.73
CA PRO A 121 1.11 51.69 -0.23
C PRO A 121 0.75 51.06 -1.59
N ARG A 122 0.08 51.85 -2.47
CA ARG A 122 -0.43 51.48 -3.80
C ARG A 122 0.56 50.65 -4.65
N GLN A 123 1.85 51.05 -4.77
CA GLN A 123 2.84 50.32 -5.59
C GLN A 123 2.99 48.83 -5.22
N LEU A 124 2.95 48.53 -3.91
CA LEU A 124 3.08 47.17 -3.40
C LEU A 124 1.75 46.41 -3.33
N ASN A 125 0.65 47.06 -3.78
CA ASN A 125 -0.71 46.49 -3.78
C ASN A 125 -1.10 45.83 -5.13
N ASP A 126 -0.12 45.58 -6.04
CA ASP A 126 -0.36 44.99 -7.36
C ASP A 126 -0.85 43.53 -7.31
N VAL A 127 -1.81 43.21 -8.18
CA VAL A 127 -2.43 41.88 -8.34
C VAL A 127 -2.57 41.62 -9.86
N LYS A 128 -2.15 40.44 -10.32
CA LYS A 128 -2.23 40.00 -11.71
C LYS A 128 -3.67 39.55 -12.01
N THR A 129 -4.40 40.32 -12.85
CA THR A 129 -5.77 40.02 -13.23
C THR A 129 -5.84 39.54 -14.70
N THR A 130 -5.82 38.22 -14.89
CA THR A 130 -5.89 37.64 -16.22
C THR A 130 -7.36 37.35 -16.52
N VAL A 131 -7.88 37.93 -17.61
CA VAL A 131 -9.28 37.76 -18.00
C VAL A 131 -9.38 37.04 -19.35
N VAL A 132 -10.20 35.98 -19.39
CA VAL A 132 -10.49 35.18 -20.60
C VAL A 132 -11.96 35.39 -20.91
N TYR A 133 -12.25 36.25 -21.89
CA TYR A 133 -13.61 36.57 -22.31
C TYR A 133 -13.74 36.53 -23.85
N PRO A 134 -14.51 35.58 -24.43
CA PRO A 134 -15.34 34.53 -23.78
C PRO A 134 -14.59 33.23 -23.42
N ALA A 135 -15.11 32.52 -22.41
CA ALA A 135 -14.54 31.29 -21.88
C ALA A 135 -15.48 30.13 -22.15
N THR A 136 -15.04 29.19 -23.02
CA THR A 136 -15.83 28.01 -23.41
C THR A 136 -15.77 26.92 -22.35
N GLU A 137 -16.55 25.84 -22.50
CA GLU A 137 -16.52 24.74 -21.56
C GLU A 137 -15.13 24.04 -21.53
N LYS A 138 -14.29 24.22 -22.59
CA LYS A 138 -12.93 23.65 -22.62
C LYS A 138 -11.97 24.43 -21.69
N HIS A 139 -12.26 25.72 -21.44
CA HIS A 139 -11.47 26.59 -20.56
C HIS A 139 -11.84 26.24 -19.13
N LEU A 140 -13.14 26.11 -18.91
CA LEU A 140 -13.79 25.81 -17.65
C LEU A 140 -13.43 24.42 -17.08
N GLN A 141 -12.67 23.57 -17.84
CA GLN A 141 -12.26 22.23 -17.40
C GLN A 141 -10.76 22.11 -17.14
N LYS A 142 -9.97 22.83 -17.97
CA LYS A 142 -8.52 22.88 -17.88
C LYS A 142 -8.11 23.46 -16.53
N TYR A 143 -8.91 24.38 -15.96
CA TYR A 143 -8.55 25.09 -14.72
C TYR A 143 -9.08 24.46 -13.43
N LEU A 144 -9.89 23.40 -13.51
CA LEU A 144 -10.38 22.71 -12.31
C LEU A 144 -9.26 21.85 -11.71
N ARG A 145 -9.48 21.30 -10.48
CA ARG A 145 -8.46 20.45 -9.85
C ARG A 145 -8.85 18.97 -9.72
N GLN A 146 -8.49 18.18 -10.75
CA GLN A 146 -8.73 16.75 -10.72
C GLN A 146 -7.45 15.98 -10.42
N ASP A 147 -7.59 15.03 -9.47
CA ASP A 147 -6.60 14.10 -8.97
C ASP A 147 -5.68 13.70 -10.09
N LEU A 148 -4.39 13.77 -9.84
CA LEU A 148 -3.48 13.45 -10.91
C LEU A 148 -3.08 12.02 -10.95
N ARG A 149 -3.11 11.47 -12.17
CA ARG A 149 -2.73 10.10 -12.44
C ARG A 149 -1.69 10.11 -13.53
N LEU A 150 -0.59 9.39 -13.31
CA LEU A 150 0.54 9.29 -14.23
C LEU A 150 0.23 8.23 -15.31
N ILE A 151 0.69 8.46 -16.53
CA ILE A 151 0.51 7.51 -17.65
C ILE A 151 1.76 7.48 -18.52
N ARG A 152 2.18 6.26 -18.95
CA ARG A 152 3.34 6.01 -19.81
C ARG A 152 2.84 5.62 -21.20
N GLU A 153 3.13 6.46 -22.18
CA GLU A 153 2.69 6.32 -23.56
C GLU A 153 3.82 5.77 -24.42
N THR A 154 3.66 4.53 -24.95
CA THR A 154 4.68 3.95 -25.84
C THR A 154 4.47 4.56 -27.19
N GLY A 155 5.49 4.45 -28.04
CA GLY A 155 5.40 4.96 -29.41
C GLY A 155 4.03 4.70 -30.01
N ASP A 156 3.67 3.39 -30.13
CA ASP A 156 2.39 2.94 -30.67
C ASP A 156 1.16 3.52 -29.95
N ASP A 157 1.24 3.79 -28.63
CA ASP A 157 0.13 4.36 -27.89
C ASP A 157 -0.24 5.72 -28.43
N TYR A 158 0.76 6.53 -28.80
CA TYR A 158 0.52 7.84 -29.39
C TYR A 158 -0.16 7.68 -30.76
N ARG A 159 0.53 6.97 -31.68
CA ARG A 159 0.14 6.67 -33.05
C ARG A 159 -1.30 6.21 -33.16
N ASN A 160 -1.67 5.22 -32.33
CA ASN A 160 -2.99 4.56 -32.33
C ASN A 160 -4.04 5.14 -31.36
N ILE A 161 -3.63 5.87 -30.28
CA ILE A 161 -4.63 6.36 -29.31
C ILE A 161 -4.61 7.87 -29.12
N THR A 162 -3.52 8.43 -28.60
CA THR A 162 -3.39 9.85 -28.28
C THR A 162 -3.59 10.74 -29.48
N LEU A 163 -2.81 10.51 -30.54
CA LEU A 163 -2.82 11.30 -31.78
C LEU A 163 -4.20 11.32 -32.42
N PRO A 164 -4.90 10.19 -32.64
CA PRO A 164 -6.25 10.29 -33.20
C PRO A 164 -7.23 11.07 -32.31
N HIS A 165 -6.99 11.08 -30.97
CA HIS A 165 -7.81 11.79 -29.98
C HIS A 165 -7.62 13.29 -30.13
N LEU A 166 -6.37 13.69 -30.23
CA LEU A 166 -5.98 15.08 -30.41
C LEU A 166 -6.47 15.64 -31.75
N GLU A 167 -6.45 14.80 -32.81
CA GLU A 167 -6.98 15.14 -34.14
C GLU A 167 -8.49 15.36 -34.09
N SER A 168 -9.19 14.73 -33.10
CA SER A 168 -10.63 14.88 -32.89
C SER A 168 -10.95 16.28 -32.46
N GLN A 169 -10.00 16.88 -31.70
CA GLN A 169 -9.91 18.25 -31.23
C GLN A 169 -9.20 18.34 -29.87
N SER A 170 -8.36 19.39 -29.83
CA SER A 170 -7.58 19.96 -28.74
C SER A 170 -8.05 21.45 -28.51
N LEU A 171 -7.12 22.44 -28.54
CA LEU A 171 -7.47 23.84 -28.32
C LEU A 171 -7.27 24.73 -29.55
N SER A 172 -7.96 25.89 -29.54
CA SER A 172 -7.83 26.99 -30.49
C SER A 172 -6.40 27.52 -30.31
N ILE A 173 -5.66 27.60 -31.41
CA ILE A 173 -4.28 28.06 -31.40
C ILE A 173 -4.22 29.57 -31.49
N GLN A 174 -5.19 30.16 -32.22
CA GLN A 174 -5.33 31.49 -32.82
C GLN A 174 -4.55 32.62 -32.11
N TRP A 175 -4.50 32.60 -30.77
CA TRP A 175 -3.73 33.57 -30.00
C TRP A 175 -2.23 33.54 -30.37
N VAL A 176 -1.68 32.32 -30.58
CA VAL A 176 -0.32 32.00 -31.01
C VAL A 176 -0.14 32.56 -32.40
N TYR A 177 -1.03 32.16 -33.33
CA TYR A 177 -1.01 32.60 -34.72
C TYR A 177 -0.93 34.11 -34.75
N ASN A 178 -1.79 34.81 -33.99
CA ASN A 178 -1.82 36.28 -33.89
C ASN A 178 -0.52 36.89 -33.39
N ILE A 179 0.16 36.21 -32.44
CA ILE A 179 1.46 36.66 -31.93
C ILE A 179 2.51 36.53 -33.02
N LEU A 180 2.58 35.35 -33.68
CA LEU A 180 3.49 35.04 -34.78
C LEU A 180 3.32 35.99 -35.99
N ASP A 181 2.07 36.35 -36.34
CA ASP A 181 1.84 37.27 -37.48
C ASP A 181 1.85 38.75 -37.04
N LYS A 182 2.31 39.04 -35.80
CA LYS A 182 2.45 40.37 -35.19
C LYS A 182 1.11 41.12 -35.06
N LYS A 183 -0.03 40.38 -35.20
CA LYS A 183 -1.41 40.89 -35.07
C LYS A 183 -1.68 41.25 -33.60
N ALA A 184 -0.99 40.55 -32.69
CA ALA A 184 -1.14 40.72 -31.25
C ALA A 184 0.20 40.68 -30.54
N GLU A 185 0.25 41.37 -29.36
CA GLU A 185 1.39 41.49 -28.44
C GLU A 185 2.68 41.85 -29.15
N ALA A 186 2.58 42.42 -30.36
CA ALA A 186 3.70 42.76 -31.21
C ALA A 186 4.85 43.46 -30.47
N ASP A 187 4.54 44.50 -29.66
CA ASP A 187 5.55 45.27 -28.90
C ASP A 187 6.35 44.46 -27.90
N ARG A 188 5.70 43.51 -27.22
CA ARG A 188 6.32 42.66 -26.21
C ARG A 188 7.42 41.68 -26.75
N ILE A 189 7.50 41.49 -28.10
CA ILE A 189 8.48 40.59 -28.72
C ILE A 189 9.90 41.04 -28.35
N VAL A 190 10.60 40.16 -27.64
CA VAL A 190 11.99 40.37 -27.20
C VAL A 190 12.98 39.92 -28.30
N PHE A 191 12.61 38.87 -29.03
CA PHE A 191 13.46 38.40 -30.09
C PHE A 191 12.68 37.68 -31.18
N GLU A 192 13.18 37.76 -32.44
CA GLU A 192 12.63 37.04 -33.57
C GLU A 192 13.71 36.63 -34.54
N ASN A 193 13.70 35.37 -34.95
CA ASN A 193 14.51 34.83 -36.02
C ASN A 193 13.37 34.51 -37.00
N PRO A 194 13.14 35.38 -38.00
CA PRO A 194 11.94 35.21 -38.83
C PRO A 194 12.02 34.18 -39.94
N ASP A 195 13.03 33.26 -39.91
CA ASP A 195 13.10 32.18 -40.89
C ASP A 195 11.76 31.37 -40.80
N PRO A 196 11.08 31.16 -41.93
CA PRO A 196 9.79 30.45 -41.90
C PRO A 196 9.84 29.02 -41.36
N SER A 197 10.93 28.28 -41.67
CA SER A 197 11.15 26.91 -41.25
C SER A 197 11.86 26.83 -39.88
N ASP A 198 13.15 27.28 -39.84
CA ASP A 198 14.04 27.24 -38.66
C ASP A 198 13.90 28.45 -37.71
N GLY A 199 12.98 29.37 -38.05
CA GLY A 199 12.70 30.57 -37.27
C GLY A 199 11.70 30.40 -36.15
N PHE A 200 11.68 31.42 -35.24
CA PHE A 200 10.84 31.47 -34.04
C PHE A 200 10.61 32.92 -33.55
N VAL A 201 9.95 33.08 -32.42
CA VAL A 201 9.66 34.33 -31.76
C VAL A 201 9.81 34.09 -30.27
N LEU A 202 10.61 34.94 -29.62
CA LEU A 202 10.84 35.00 -28.17
C LEU A 202 10.04 36.21 -27.54
N ILE A 203 8.94 35.88 -26.86
CA ILE A 203 8.05 36.84 -26.20
C ILE A 203 7.95 36.41 -24.69
N PRO A 204 7.85 37.36 -23.70
CA PRO A 204 7.74 36.93 -22.30
C PRO A 204 6.32 36.46 -22.04
N ASP A 205 6.18 35.43 -21.18
CA ASP A 205 4.92 34.82 -20.76
C ASP A 205 3.95 35.77 -20.04
N LEU A 206 2.66 35.57 -20.33
CA LEU A 206 1.46 36.14 -19.72
C LEU A 206 1.62 36.07 -18.16
N LYS A 207 2.15 34.90 -17.69
CA LYS A 207 2.52 34.46 -16.32
C LYS A 207 3.84 35.17 -15.82
N TRP A 208 4.05 36.41 -16.30
CA TRP A 208 5.17 37.26 -15.93
C TRP A 208 4.85 38.74 -16.12
N ASN A 209 4.88 39.45 -14.98
CA ASN A 209 4.64 40.90 -14.82
C ASN A 209 5.87 41.73 -15.20
N GLN A 210 7.04 41.05 -15.46
CA GLN A 210 8.34 41.61 -15.84
C GLN A 210 8.91 42.61 -14.83
N GLN A 211 8.44 42.59 -13.58
CA GLN A 211 8.90 43.58 -12.59
C GLN A 211 10.12 43.11 -11.77
N GLN A 212 10.56 41.87 -12.00
CA GLN A 212 11.67 41.23 -11.30
C GLN A 212 12.20 40.06 -12.10
N LEU A 213 13.48 39.73 -11.90
CA LEU A 213 14.14 38.64 -12.58
C LEU A 213 13.86 37.28 -11.99
N ASP A 214 13.63 37.22 -10.66
CA ASP A 214 13.37 36.01 -9.88
C ASP A 214 12.43 35.02 -10.56
N ASP A 215 11.29 35.52 -11.09
CA ASP A 215 10.22 34.74 -11.75
C ASP A 215 10.24 34.88 -13.29
N LEU A 216 11.45 35.01 -13.88
CA LEU A 216 11.60 35.16 -15.33
C LEU A 216 10.98 34.01 -16.10
N TYR A 217 9.94 34.33 -16.90
CA TYR A 217 9.24 33.37 -17.77
C TYR A 217 9.08 33.88 -19.19
N LEU A 218 9.85 33.32 -20.10
CA LEU A 218 9.77 33.69 -21.51
C LEU A 218 9.43 32.45 -22.33
N ILE A 219 9.04 32.65 -23.62
CA ILE A 219 8.75 31.56 -24.58
C ILE A 219 9.46 31.74 -25.95
N ALA A 220 9.53 30.62 -26.71
CA ALA A 220 10.13 30.57 -28.03
C ALA A 220 9.24 29.77 -28.93
N ILE A 221 8.30 30.47 -29.55
CA ILE A 221 7.33 29.84 -30.42
C ILE A 221 7.91 29.79 -31.80
N CYS A 222 7.96 28.59 -32.39
CA CYS A 222 8.51 28.41 -33.73
C CYS A 222 7.56 28.99 -34.78
N HIS A 223 8.14 29.57 -35.85
CA HIS A 223 7.39 30.18 -36.94
C HIS A 223 6.73 29.13 -37.81
N ARG A 224 7.36 27.96 -37.89
CA ARG A 224 6.88 26.84 -38.67
C ARG A 224 5.63 26.25 -38.02
N ARG A 225 4.46 26.46 -38.67
CA ARG A 225 3.18 25.91 -38.21
C ARG A 225 3.16 24.37 -38.46
N GLY A 226 2.55 23.61 -37.57
CA GLY A 226 2.51 22.18 -37.80
C GLY A 226 3.17 21.31 -36.77
N ILE A 227 4.22 21.80 -36.08
CA ILE A 227 4.84 20.95 -35.04
C ILE A 227 3.92 21.07 -33.84
N ARG A 228 3.10 20.02 -33.59
CA ARG A 228 2.11 19.99 -32.50
C ARG A 228 2.78 19.86 -31.16
N SER A 229 3.49 18.73 -30.94
CA SER A 229 4.16 18.40 -29.70
C SER A 229 5.54 17.82 -29.94
N LEU A 230 6.23 17.52 -28.84
CA LEU A 230 7.55 16.89 -28.74
C LEU A 230 7.65 15.57 -29.56
N ARG A 231 6.50 14.90 -29.81
CA ARG A 231 6.37 13.67 -30.59
C ARG A 231 6.47 13.88 -32.12
N ASP A 232 6.28 15.14 -32.59
CA ASP A 232 6.30 15.48 -34.02
C ASP A 232 7.72 15.70 -34.52
N LEU A 233 8.69 15.75 -33.56
CA LEU A 233 10.12 16.05 -33.77
C LEU A 233 10.97 14.94 -34.40
N THR A 234 11.59 15.28 -35.53
CA THR A 234 12.49 14.43 -36.32
C THR A 234 13.82 15.21 -36.56
N PRO A 235 14.91 14.55 -37.02
CA PRO A 235 16.14 15.29 -37.30
C PRO A 235 16.01 16.54 -38.16
N GLU A 236 14.98 16.63 -39.06
CA GLU A 236 14.75 17.83 -39.88
C GLU A 236 14.43 19.11 -39.03
N HIS A 237 13.95 18.90 -37.78
CA HIS A 237 13.65 19.97 -36.82
C HIS A 237 14.86 20.37 -35.95
N LEU A 238 16.01 19.59 -36.02
CA LEU A 238 17.24 19.88 -35.30
C LEU A 238 17.76 21.31 -35.47
N PRO A 239 17.89 21.90 -36.70
CA PRO A 239 18.37 23.29 -36.77
C PRO A 239 17.38 24.27 -36.10
N LEU A 240 16.05 23.98 -36.26
CA LEU A 240 14.97 24.76 -35.70
C LEU A 240 15.11 24.84 -34.21
N LEU A 241 15.46 23.76 -33.55
CA LEU A 241 15.65 23.68 -32.09
C LEU A 241 16.95 24.35 -31.59
N ARG A 242 18.07 24.12 -32.27
CA ARG A 242 19.36 24.72 -31.93
C ARG A 242 19.25 26.28 -31.94
N ASN A 243 18.30 26.79 -32.78
CA ASN A 243 17.97 28.21 -32.98
C ASN A 243 17.19 28.81 -31.80
N ILE A 244 16.35 27.99 -31.23
CA ILE A 244 15.55 28.31 -30.07
C ILE A 244 16.42 28.08 -28.81
N LEU A 245 17.48 27.26 -28.91
CA LEU A 245 18.32 27.03 -27.75
C LEU A 245 19.25 28.19 -27.57
N HIS A 246 20.18 28.32 -28.50
CA HIS A 246 21.20 29.35 -28.44
C HIS A 246 20.69 30.73 -28.67
N GLN A 247 19.92 30.97 -29.76
CA GLN A 247 19.38 32.30 -30.10
C GLN A 247 18.45 32.85 -29.02
N GLY A 248 17.68 31.96 -28.40
CA GLY A 248 16.79 32.32 -27.30
C GLY A 248 17.53 32.92 -26.10
N GLN A 249 18.54 32.17 -25.55
CA GLN A 249 19.40 32.48 -24.38
C GLN A 249 20.22 33.75 -24.57
N GLU A 250 20.61 33.99 -25.82
CA GLU A 250 21.37 35.16 -26.23
C GLU A 250 20.46 36.40 -26.27
N ALA A 251 19.16 36.24 -26.61
CA ALA A 251 18.19 37.36 -26.63
C ALA A 251 17.79 37.69 -25.20
N ILE A 252 17.93 36.69 -24.31
CA ILE A 252 17.71 36.83 -22.88
C ILE A 252 18.92 37.52 -22.26
N LEU A 253 20.13 37.06 -22.59
CA LEU A 253 21.34 37.67 -22.06
C LEU A 253 21.55 39.12 -22.56
N GLN A 254 20.93 39.50 -23.67
CA GLN A 254 21.08 40.86 -24.16
C GLN A 254 20.05 41.75 -23.49
N ARG A 255 18.77 41.32 -23.45
CA ARG A 255 17.65 42.10 -22.93
C ARG A 255 17.54 42.09 -21.41
N TYR A 256 17.96 41.02 -20.77
CA TYR A 256 17.84 40.86 -19.31
C TYR A 256 19.16 40.59 -18.61
N ARG A 257 20.27 40.54 -19.38
CA ARG A 257 21.64 40.29 -18.91
C ARG A 257 21.69 39.10 -17.98
N MET A 258 21.02 38.03 -18.40
CA MET A 258 20.93 36.81 -17.63
C MET A 258 21.62 35.67 -18.37
N LYS A 259 22.74 35.23 -17.77
CA LYS A 259 23.61 34.17 -18.25
C LYS A 259 22.84 32.85 -18.40
N GLY A 260 23.35 32.00 -19.27
CA GLY A 260 22.82 30.67 -19.55
C GLY A 260 22.76 29.82 -18.30
N ASP A 261 23.80 29.89 -17.42
CA ASP A 261 23.86 29.11 -16.18
C ASP A 261 22.70 29.46 -15.20
N HIS A 262 21.95 30.55 -15.46
CA HIS A 262 20.79 30.86 -14.61
C HIS A 262 19.48 30.46 -15.32
N LEU A 263 19.55 29.61 -16.36
CA LEU A 263 18.33 29.31 -17.09
C LEU A 263 17.99 27.85 -17.37
N ARG A 264 16.70 27.55 -17.10
CA ARG A 264 16.03 26.28 -17.33
C ARG A 264 15.31 26.41 -18.70
N VAL A 265 15.80 25.67 -19.74
CA VAL A 265 15.23 25.65 -21.10
C VAL A 265 14.58 24.30 -21.40
N TYR A 266 13.26 24.22 -21.17
CA TYR A 266 12.51 22.97 -21.30
C TYR A 266 11.30 23.06 -22.22
N LEU A 267 10.82 21.89 -22.60
CA LEU A 267 9.65 21.65 -23.44
C LEU A 267 8.58 20.93 -22.60
N HIS A 268 7.30 21.15 -22.88
CA HIS A 268 6.30 20.40 -22.12
C HIS A 268 5.75 19.21 -22.86
N TYR A 269 5.41 18.16 -22.11
CA TYR A 269 4.79 16.96 -22.63
C TYR A 269 4.04 16.26 -21.53
N LEU A 270 2.68 16.20 -21.58
CA LEU A 270 1.78 16.72 -22.63
C LEU A 270 1.60 18.28 -22.57
N PRO A 271 1.58 19.08 -23.68
CA PRO A 271 1.45 20.55 -23.52
C PRO A 271 0.04 21.09 -23.37
N SER A 272 -0.07 22.42 -23.14
CA SER A 272 -1.34 23.15 -22.95
C SER A 272 -1.99 23.40 -24.31
N TYR A 273 -1.16 23.60 -25.35
CA TYR A 273 -1.57 23.86 -26.72
C TYR A 273 -0.61 23.12 -27.65
N TYR A 274 -1.16 22.57 -28.72
CA TYR A 274 -0.35 21.78 -29.60
C TYR A 274 0.21 22.57 -30.78
N HIS A 275 1.27 23.32 -30.48
CA HIS A 275 2.14 24.09 -31.38
C HIS A 275 3.46 24.45 -30.68
N LEU A 276 4.54 23.65 -30.98
CA LEU A 276 5.87 23.69 -30.41
C LEU A 276 6.28 25.06 -29.94
N HIS A 277 6.48 25.13 -28.62
CA HIS A 277 6.83 26.30 -27.83
C HIS A 277 7.87 25.84 -26.79
N VAL A 278 8.92 26.66 -26.56
CA VAL A 278 9.99 26.30 -25.60
C VAL A 278 10.01 27.24 -24.39
N HIS A 279 9.86 26.67 -23.18
CA HIS A 279 9.90 27.41 -21.93
C HIS A 279 11.30 27.80 -21.58
N PHE A 280 11.45 29.01 -21.10
CA PHE A 280 12.71 29.60 -20.70
C PHE A 280 12.45 30.20 -19.36
N THR A 281 12.77 29.44 -18.31
CA THR A 281 12.56 29.91 -16.95
C THR A 281 13.82 30.14 -16.16
N ALA A 282 13.74 31.12 -15.22
CA ALA A 282 14.80 31.45 -14.27
C ALA A 282 14.99 30.22 -13.41
N LEU A 283 16.24 29.81 -13.18
CA LEU A 283 16.58 28.59 -12.45
C LEU A 283 16.02 28.49 -11.02
N GLY A 284 16.18 29.56 -10.23
CA GLY A 284 15.73 29.61 -8.84
C GLY A 284 14.24 29.53 -8.63
N PHE A 285 13.47 29.91 -9.66
CA PHE A 285 12.01 29.93 -9.74
C PHE A 285 11.50 28.50 -9.86
N GLU A 286 10.62 28.11 -8.89
CA GLU A 286 9.95 26.81 -8.76
C GLU A 286 8.82 26.63 -9.79
N ALA A 287 9.11 27.03 -11.06
CA ALA A 287 8.21 27.10 -12.22
C ALA A 287 7.20 25.95 -12.33
N PRO A 288 5.87 26.25 -12.35
CA PRO A 288 4.89 25.18 -12.55
C PRO A 288 5.07 24.67 -13.99
N GLY A 289 5.67 23.48 -14.06
CA GLY A 289 6.02 22.84 -15.32
C GLY A 289 7.43 22.33 -15.38
N SER A 290 8.23 22.57 -14.33
CA SER A 290 9.60 22.09 -14.23
C SER A 290 9.64 20.61 -13.73
N GLY A 291 8.46 20.07 -13.36
CA GLY A 291 8.28 18.69 -12.92
C GLY A 291 8.70 17.69 -13.97
N VAL A 292 9.58 16.74 -13.57
CA VAL A 292 10.17 15.63 -14.35
C VAL A 292 9.13 14.84 -15.20
N GLU A 293 7.89 14.73 -14.69
CA GLU A 293 6.77 14.08 -15.36
C GLU A 293 6.14 14.94 -16.50
N ARG A 294 6.79 16.06 -16.90
CA ARG A 294 6.27 16.95 -17.94
C ARG A 294 7.37 17.67 -18.74
N ALA A 295 8.38 18.19 -18.03
CA ALA A 295 9.49 18.91 -18.65
C ALA A 295 10.51 17.97 -19.33
N HIS A 296 11.08 18.46 -20.47
CA HIS A 296 12.11 17.83 -21.30
C HIS A 296 13.08 18.92 -21.70
N LEU A 297 14.32 18.89 -21.16
CA LEU A 297 15.35 19.92 -21.47
C LEU A 297 15.68 19.95 -22.97
N LEU A 298 15.59 21.13 -23.58
CA LEU A 298 15.91 21.34 -25.00
C LEU A 298 17.29 20.76 -25.36
N ALA A 299 18.29 20.97 -24.46
CA ALA A 299 19.67 20.50 -24.55
C ALA A 299 19.75 18.98 -24.83
N GLU A 300 18.86 18.24 -24.17
CA GLU A 300 18.74 16.81 -24.28
C GLU A 300 17.79 16.41 -25.42
N VAL A 301 16.62 17.12 -25.65
CA VAL A 301 15.72 16.79 -26.79
C VAL A 301 16.62 16.77 -28.04
N ILE A 302 17.55 17.76 -28.15
CA ILE A 302 18.49 17.86 -29.28
C ILE A 302 19.47 16.69 -29.29
N GLU A 303 20.14 16.42 -28.15
CA GLU A 303 21.09 15.31 -28.01
C GLU A 303 20.48 13.93 -28.35
N ASN A 304 19.24 13.66 -27.92
CA ASN A 304 18.51 12.38 -28.19
C ASN A 304 18.14 12.24 -29.66
N LEU A 305 17.82 13.39 -30.34
CA LEU A 305 17.42 13.43 -31.74
C LEU A 305 18.63 13.14 -32.59
N GLU A 306 19.81 13.63 -32.14
CA GLU A 306 21.14 13.48 -32.74
C GLU A 306 21.58 12.02 -32.70
N CYS A 307 21.29 11.36 -31.57
CA CYS A 307 21.60 9.96 -31.39
C CYS A 307 20.60 9.09 -32.13
N ASP A 308 19.38 8.93 -31.59
CA ASP A 308 18.32 8.15 -32.23
C ASP A 308 17.41 9.10 -33.04
N PRO A 309 17.43 9.03 -34.40
CA PRO A 309 16.56 9.94 -35.19
C PRO A 309 15.05 9.71 -34.96
N ARG A 310 14.65 8.44 -34.81
CA ARG A 310 13.27 8.04 -34.61
C ARG A 310 12.90 8.02 -33.11
N HIS A 311 13.76 8.63 -32.25
CA HIS A 311 13.64 8.65 -30.78
C HIS A 311 12.27 9.06 -30.25
N TYR A 312 11.84 10.32 -30.44
CA TYR A 312 10.57 10.82 -29.91
C TYR A 312 9.30 10.24 -30.62
N GLN A 313 9.48 9.43 -31.66
CA GLN A 313 8.43 8.76 -32.42
C GLN A 313 8.18 7.36 -31.87
N GLN A 314 9.23 6.71 -31.30
CA GLN A 314 9.14 5.33 -30.78
C GLN A 314 9.28 5.19 -29.26
N ARG A 315 10.14 6.03 -28.63
CA ARG A 315 10.42 5.93 -27.20
C ARG A 315 9.23 6.29 -26.30
N THR A 316 9.07 5.48 -25.22
CA THR A 316 7.98 5.63 -24.26
C THR A 316 8.14 6.89 -23.39
N LEU A 317 7.17 7.82 -23.49
CA LEU A 317 7.11 9.07 -22.73
C LEU A 317 6.12 8.98 -21.54
N THR A 318 6.53 9.55 -20.39
CA THR A 318 5.75 9.61 -19.16
C THR A 318 5.26 11.04 -18.92
N PHE A 319 4.00 11.17 -18.52
CA PHE A 319 3.28 12.42 -18.20
C PHE A 319 2.05 12.09 -17.34
N ALA A 320 1.56 13.08 -16.58
CA ALA A 320 0.36 12.88 -15.75
C ALA A 320 -0.85 13.51 -16.44
N LEU A 321 -2.04 13.04 -16.07
CA LEU A 321 -3.33 13.51 -16.58
C LEU A 321 -4.37 13.63 -15.43
N ARG A 322 -5.31 14.58 -15.61
CA ARG A 322 -6.40 14.85 -14.67
C ARG A 322 -7.26 13.61 -14.64
N ALA A 323 -7.78 13.26 -13.47
CA ALA A 323 -8.64 12.09 -13.33
C ALA A 323 -9.83 12.23 -14.28
N ASP A 324 -10.40 13.47 -14.35
CA ASP A 324 -11.52 13.84 -15.23
C ASP A 324 -11.15 13.76 -16.73
N ASP A 325 -9.86 14.02 -17.11
CA ASP A 325 -9.43 13.94 -18.51
C ASP A 325 -9.84 12.61 -19.18
N PRO A 326 -10.52 12.67 -20.36
CA PRO A 326 -10.99 11.43 -20.99
C PRO A 326 -9.89 10.58 -21.63
N LEU A 327 -8.83 11.25 -22.10
CA LEU A 327 -7.66 10.61 -22.73
C LEU A 327 -7.03 9.60 -21.78
N LEU A 328 -6.91 9.98 -20.49
CA LEU A 328 -6.38 9.14 -19.42
C LEU A 328 -7.02 7.77 -19.48
N LYS A 329 -8.39 7.72 -19.51
CA LYS A 329 -9.18 6.47 -19.58
C LYS A 329 -8.97 5.69 -20.89
N LEU A 330 -8.78 6.40 -22.02
CA LEU A 330 -8.53 5.81 -23.34
C LEU A 330 -7.20 5.04 -23.41
N LEU A 331 -6.21 5.49 -22.63
CA LEU A 331 -4.90 4.86 -22.55
C LEU A 331 -4.94 3.72 -21.53
N GLN A 332 -5.56 3.98 -20.33
CA GLN A 332 -5.78 2.99 -19.27
C GLN A 332 -6.47 1.80 -19.91
N GLU A 333 -7.49 2.06 -20.77
CA GLU A 333 -8.27 1.06 -21.52
C GLU A 333 -7.46 0.34 -22.61
N ALA A 334 -6.64 1.09 -23.38
CA ALA A 334 -5.77 0.52 -24.43
C ALA A 334 -4.72 -0.42 -23.84
N GLN A 335 -4.34 -0.14 -22.58
CA GLN A 335 -3.39 -0.93 -21.79
C GLN A 335 -4.10 -2.03 -20.93
N GLN A 336 -5.29 -2.56 -21.38
CA GLN A 336 -6.06 -3.66 -20.75
C GLN A 336 -7.22 -4.10 -21.68
N VAL B 40 1.60 45.78 16.96
CA VAL B 40 1.07 47.14 17.14
C VAL B 40 2.02 48.19 16.53
N ARG B 41 3.32 47.84 16.37
CA ARG B 41 4.37 48.69 15.78
C ARG B 41 5.60 47.88 15.33
N LEU B 42 6.80 48.29 15.76
CA LEU B 42 8.10 47.70 15.43
C LEU B 42 8.80 47.25 16.73
N PRO B 43 9.48 46.06 16.84
CA PRO B 43 10.14 45.74 18.12
C PRO B 43 11.39 46.58 18.40
N PHE B 44 12.07 47.04 17.33
CA PHE B 44 13.29 47.85 17.35
C PHE B 44 13.04 49.28 16.82
N SER B 45 14.12 49.98 16.41
CA SER B 45 14.04 51.30 15.82
C SER B 45 14.82 51.33 14.49
N GLY B 46 14.07 51.22 13.39
CA GLY B 46 14.62 51.26 12.05
C GLY B 46 15.33 50.01 11.57
N PHE B 47 15.13 49.68 10.30
CA PHE B 47 15.70 48.52 9.63
C PHE B 47 16.76 48.96 8.62
N ARG B 48 17.80 48.13 8.46
CA ARG B 48 18.93 48.38 7.55
C ARG B 48 19.20 47.06 6.82
N LEU B 49 18.55 46.84 5.66
CA LEU B 49 18.69 45.62 4.87
C LEU B 49 20.14 45.32 4.49
N GLN B 50 20.67 44.17 4.95
CA GLN B 50 22.05 43.74 4.70
C GLN B 50 22.12 42.76 3.52
N LYS B 51 21.35 41.66 3.57
CA LYS B 51 21.29 40.61 2.56
C LYS B 51 19.89 39.98 2.52
N VAL B 52 19.50 39.40 1.37
CA VAL B 52 18.21 38.72 1.20
C VAL B 52 18.51 37.23 1.45
N LEU B 53 18.02 36.68 2.59
CA LEU B 53 18.28 35.30 3.01
C LEU B 53 17.75 34.29 1.99
N ARG B 54 16.42 34.27 1.83
CA ARG B 54 15.74 33.34 0.93
C ARG B 54 14.68 34.08 0.10
N GLU B 55 14.31 33.48 -1.06
CA GLU B 55 13.29 33.99 -1.96
C GLU B 55 12.36 32.87 -2.43
N SER B 56 11.11 33.23 -2.73
CA SER B 56 10.13 32.32 -3.27
C SER B 56 9.17 33.11 -4.13
N ALA B 57 9.47 33.15 -5.45
CA ALA B 57 8.68 33.86 -6.44
C ALA B 57 7.35 33.13 -6.71
N ARG B 58 7.38 31.78 -6.62
CA ARG B 58 6.24 30.88 -6.80
C ARG B 58 5.25 31.03 -5.63
N ASP B 59 5.80 31.15 -4.41
CA ASP B 59 5.05 31.30 -3.14
C ASP B 59 4.71 32.76 -2.75
N LYS B 60 5.29 33.76 -3.44
CA LYS B 60 5.10 35.22 -3.19
C LYS B 60 5.46 35.56 -1.73
N ILE B 61 6.70 35.25 -1.37
CA ILE B 61 7.29 35.45 -0.04
C ILE B 61 8.74 35.93 -0.16
N ILE B 62 9.18 36.80 0.79
CA ILE B 62 10.56 37.32 0.86
C ILE B 62 11.13 37.25 2.29
N PHE B 63 12.40 36.77 2.39
CA PHE B 63 13.16 36.59 3.63
C PHE B 63 14.34 37.57 3.62
N LEU B 64 14.36 38.49 4.59
CA LEU B 64 15.37 39.57 4.66
C LEU B 64 16.05 39.67 6.02
N HIS B 65 17.41 39.74 5.99
CA HIS B 65 18.28 39.91 7.17
C HIS B 65 18.53 41.42 7.31
N GLY B 66 18.59 41.90 8.55
CA GLY B 66 18.82 43.32 8.81
C GLY B 66 19.42 43.67 10.15
N LYS B 67 20.25 44.73 10.16
CA LYS B 67 20.89 45.26 11.38
C LYS B 67 20.00 46.37 11.96
N VAL B 68 19.72 46.30 13.28
CA VAL B 68 18.84 47.24 13.98
C VAL B 68 19.50 47.85 15.26
N ASN B 69 18.93 48.97 15.79
CA ASN B 69 19.39 49.74 16.96
C ASN B 69 20.83 50.26 16.79
N ASP B 79 21.40 41.97 15.51
CA ASP B 79 20.87 41.49 14.24
C ASP B 79 19.46 40.92 14.39
N ALA B 80 18.62 41.10 13.33
CA ALA B 80 17.23 40.63 13.25
C ALA B 80 16.85 40.20 11.81
N VAL B 81 15.77 39.40 11.67
CA VAL B 81 15.26 38.87 10.39
C VAL B 81 13.76 39.17 10.21
N VAL B 82 13.40 39.74 9.04
CA VAL B 82 12.02 40.10 8.69
C VAL B 82 11.57 39.29 7.47
N ILE B 83 10.37 38.71 7.57
CA ILE B 83 9.74 37.89 6.52
C ILE B 83 8.39 38.52 6.12
N LEU B 84 8.15 38.66 4.80
CA LEU B 84 6.91 39.21 4.23
C LEU B 84 6.23 38.18 3.32
N GLU B 85 4.94 37.91 3.55
CA GLU B 85 4.19 36.95 2.74
C GLU B 85 2.90 37.57 2.22
N LYS B 86 2.71 37.55 0.90
CA LYS B 86 1.49 38.07 0.26
C LYS B 86 0.35 37.12 0.65
N THR B 87 -0.67 37.64 1.36
CA THR B 87 -1.80 36.84 1.85
C THR B 87 -2.68 36.26 0.73
N PRO B 88 -3.08 34.97 0.82
CA PRO B 88 -3.93 34.39 -0.23
C PRO B 88 -5.35 34.95 -0.19
N PHE B 89 -5.93 35.16 -1.38
CA PHE B 89 -7.26 35.73 -1.67
C PHE B 89 -8.42 35.16 -0.86
N GLN B 90 -9.49 35.99 -0.67
CA GLN B 90 -10.73 35.63 0.04
C GLN B 90 -11.90 35.68 -0.94
N VAL B 91 -12.50 34.51 -1.22
CA VAL B 91 -13.61 34.30 -2.17
C VAL B 91 -14.64 35.45 -2.18
N GLU B 92 -15.13 35.85 -0.99
CA GLU B 92 -16.14 36.89 -0.80
C GLU B 92 -15.61 38.32 -1.16
N GLN B 93 -14.47 38.77 -0.57
CA GLN B 93 -13.83 40.08 -0.77
C GLN B 93 -13.51 40.36 -2.25
N VAL B 94 -13.10 39.31 -2.96
CA VAL B 94 -12.72 39.35 -4.35
C VAL B 94 -13.97 39.46 -5.24
N ALA B 95 -14.97 38.55 -5.09
CA ALA B 95 -16.24 38.52 -5.85
C ALA B 95 -17.00 39.85 -5.78
N GLN B 96 -17.04 40.44 -4.58
CA GLN B 96 -17.69 41.70 -4.22
C GLN B 96 -17.07 42.91 -4.96
N LEU B 97 -15.73 42.99 -5.02
CA LEU B 97 -15.03 44.06 -5.71
C LEU B 97 -15.13 43.89 -7.24
N LEU B 98 -15.30 42.63 -7.71
CA LEU B 98 -15.39 42.27 -9.13
C LEU B 98 -16.64 42.82 -9.78
N THR B 99 -17.83 42.63 -9.13
CA THR B 99 -19.13 43.12 -9.61
C THR B 99 -19.20 44.67 -9.60
N GLY B 100 -18.17 45.32 -9.03
CA GLY B 100 -18.06 46.77 -8.98
C GLY B 100 -17.16 47.34 -10.04
N SER B 101 -16.60 48.54 -9.78
CA SER B 101 -15.69 49.25 -10.68
C SER B 101 -14.27 49.33 -10.07
N PRO B 102 -13.42 48.30 -10.35
CA PRO B 102 -12.06 48.31 -9.82
C PRO B 102 -11.06 49.04 -10.72
N GLU B 103 -9.85 49.29 -10.18
CA GLU B 103 -8.76 49.93 -10.90
C GLU B 103 -8.05 48.87 -11.72
N LEU B 104 -8.10 49.00 -13.07
CA LEU B 104 -7.44 48.06 -13.98
C LEU B 104 -6.53 48.81 -14.96
N GLN B 105 -5.34 48.24 -15.26
CA GLN B 105 -4.36 48.81 -16.19
C GLN B 105 -3.92 47.72 -17.17
N LEU B 106 -4.39 47.79 -18.44
CA LEU B 106 -4.12 46.81 -19.49
C LEU B 106 -2.63 46.57 -19.77
N GLN B 107 -2.15 45.34 -19.50
CA GLN B 107 -0.77 44.97 -19.79
C GLN B 107 -0.70 44.70 -21.31
N PHE B 108 -1.63 43.84 -21.84
CA PHE B 108 -1.77 43.48 -23.26
C PHE B 108 -3.08 42.72 -23.54
N SER B 109 -3.43 42.56 -24.84
CA SER B 109 -4.64 41.84 -25.29
C SER B 109 -4.40 41.13 -26.63
N ASN B 110 -4.46 39.80 -26.62
CA ASN B 110 -4.31 38.92 -27.78
C ASN B 110 -5.50 37.96 -27.78
N ASP B 111 -6.23 37.86 -28.93
CA ASP B 111 -7.41 37.00 -29.09
C ASP B 111 -8.43 37.30 -27.94
N ILE B 112 -9.05 36.25 -27.39
CA ILE B 112 -10.03 36.30 -26.28
C ILE B 112 -9.40 36.72 -24.95
N TYR B 113 -8.07 36.58 -24.87
CA TYR B 113 -7.21 36.89 -23.73
C TYR B 113 -6.90 38.38 -23.58
N SER B 114 -6.51 38.76 -22.34
CA SER B 114 -6.09 40.10 -21.89
C SER B 114 -5.73 40.12 -20.39
N THR B 115 -4.54 40.65 -20.04
CA THR B 115 -4.07 40.78 -18.66
C THR B 115 -4.14 42.24 -18.18
N TYR B 116 -4.37 42.40 -16.86
CA TYR B 116 -4.48 43.71 -16.21
C TYR B 116 -3.65 43.79 -14.92
N HIS B 117 -3.25 45.01 -14.54
CA HIS B 117 -2.53 45.31 -13.30
C HIS B 117 -3.61 45.96 -12.40
N LEU B 118 -3.96 45.29 -11.28
CA LEU B 118 -5.03 45.73 -10.38
C LEU B 118 -4.56 46.28 -9.03
N PHE B 119 -5.32 47.26 -8.47
CA PHE B 119 -5.06 47.87 -7.16
C PHE B 119 -6.32 47.84 -6.30
N PRO B 120 -6.43 46.84 -5.38
CA PRO B 120 -7.64 46.72 -4.55
C PRO B 120 -7.66 47.56 -3.26
N PRO B 121 -8.82 47.70 -2.54
CA PRO B 121 -8.82 48.48 -1.29
C PRO B 121 -8.05 47.82 -0.13
N ARG B 122 -7.90 48.55 1.01
CA ARG B 122 -7.16 48.16 2.23
C ARG B 122 -7.42 46.71 2.70
N GLN B 123 -8.71 46.27 2.69
CA GLN B 123 -9.20 44.94 3.12
C GLN B 123 -8.57 43.75 2.37
N LEU B 124 -8.10 43.97 1.12
CA LEU B 124 -7.47 42.97 0.26
C LEU B 124 -5.94 43.20 0.14
N ASN B 125 -5.40 44.22 0.85
CA ASN B 125 -3.97 44.58 0.83
C ASN B 125 -3.12 43.98 1.96
N ASP B 126 -3.63 42.96 2.68
CA ASP B 126 -2.91 42.33 3.80
C ASP B 126 -1.64 41.57 3.39
N VAL B 127 -0.56 41.68 4.22
CA VAL B 127 0.74 41.02 4.05
C VAL B 127 1.19 40.47 5.44
N LYS B 128 1.62 39.20 5.49
CA LYS B 128 2.12 38.52 6.70
C LYS B 128 3.56 38.97 6.98
N THR B 129 3.77 39.74 8.06
CA THR B 129 5.08 40.25 8.46
C THR B 129 5.59 39.51 9.71
N THR B 130 6.38 38.46 9.50
CA THR B 130 6.96 37.68 10.60
C THR B 130 8.32 38.28 10.94
N VAL B 131 8.51 38.71 12.20
CA VAL B 131 9.76 39.33 12.64
C VAL B 131 10.44 38.46 13.70
N VAL B 132 11.75 38.16 13.50
CA VAL B 132 12.58 37.39 14.43
C VAL B 132 13.66 38.36 14.94
N TYR B 133 13.48 38.87 16.16
CA TYR B 133 14.40 39.83 16.78
C TYR B 133 14.74 39.43 18.23
N PRO B 134 16.00 39.03 18.54
CA PRO B 134 17.18 38.97 17.65
C PRO B 134 17.40 37.64 16.92
N ALA B 135 18.48 37.58 16.08
CA ALA B 135 18.94 36.39 15.33
C ALA B 135 20.50 36.32 15.22
N THR B 136 21.08 35.09 14.98
CA THR B 136 22.55 34.84 14.86
C THR B 136 22.94 34.02 13.60
N GLU B 137 24.25 33.71 13.44
CA GLU B 137 24.81 32.94 12.32
C GLU B 137 24.27 31.50 12.25
N LYS B 138 23.92 30.87 13.41
CA LYS B 138 23.34 29.53 13.39
C LYS B 138 21.86 29.54 12.94
N HIS B 139 21.28 30.76 12.76
CA HIS B 139 19.94 31.01 12.24
C HIS B 139 20.02 31.52 10.79
N LEU B 140 21.13 32.21 10.40
CA LEU B 140 21.37 32.68 9.03
C LEU B 140 21.65 31.47 8.12
N GLN B 141 22.22 30.41 8.72
CA GLN B 141 22.61 29.12 8.13
C GLN B 141 21.44 28.38 7.45
N LYS B 142 20.51 27.79 8.25
CA LYS B 142 19.37 27.02 7.74
C LYS B 142 18.18 27.91 7.26
N TYR B 143 18.37 29.25 7.21
CA TYR B 143 17.32 30.16 6.74
C TYR B 143 17.72 30.92 5.43
N LEU B 144 18.99 30.78 4.96
CA LEU B 144 19.46 31.40 3.70
C LEU B 144 19.62 30.36 2.59
N ARG B 145 19.09 30.66 1.37
CA ARG B 145 19.21 29.82 0.19
C ARG B 145 20.10 30.48 -0.85
N GLN B 146 21.17 29.76 -1.24
CA GLN B 146 22.19 30.19 -2.19
C GLN B 146 21.73 30.22 -3.65
N ASP B 147 22.55 30.87 -4.47
CA ASP B 147 22.43 31.01 -5.91
C ASP B 147 22.60 29.62 -6.52
N LEU B 148 21.93 29.38 -7.65
CA LEU B 148 22.08 28.13 -8.38
C LEU B 148 22.43 28.34 -9.82
N ARG B 149 23.41 27.56 -10.26
CA ARG B 149 23.94 27.61 -11.61
C ARG B 149 23.88 26.24 -12.20
N LEU B 150 23.37 26.15 -13.40
CA LEU B 150 23.24 24.92 -14.14
C LEU B 150 24.58 24.55 -14.85
N ILE B 151 24.90 23.23 -14.94
CA ILE B 151 26.10 22.75 -15.63
C ILE B 151 25.76 21.45 -16.38
N ARG B 152 26.28 21.31 -17.63
CA ARG B 152 26.10 20.11 -18.47
C ARG B 152 27.42 19.33 -18.50
N GLU B 153 27.40 18.12 -17.93
CA GLU B 153 28.56 17.24 -17.79
C GLU B 153 28.54 16.16 -18.86
N THR B 154 29.61 16.13 -19.69
CA THR B 154 29.77 15.13 -20.74
C THR B 154 30.20 13.82 -20.11
N GLY B 155 30.20 12.74 -20.90
CA GLY B 155 30.68 11.44 -20.45
C GLY B 155 32.07 11.59 -19.88
N ASP B 156 32.95 12.24 -20.67
CA ASP B 156 34.33 12.54 -20.34
C ASP B 156 34.50 13.55 -19.21
N ASP B 157 33.56 14.52 -19.06
CA ASP B 157 33.66 15.52 -17.98
C ASP B 157 33.64 14.85 -16.62
N TYR B 158 32.81 13.82 -16.47
CA TYR B 158 32.70 13.06 -15.23
C TYR B 158 34.01 12.33 -14.98
N ARG B 159 34.40 11.45 -15.93
CA ARG B 159 35.59 10.61 -15.94
C ARG B 159 36.84 11.39 -15.55
N ASN B 160 37.05 12.54 -16.19
CA ASN B 160 38.24 13.39 -16.05
C ASN B 160 38.13 14.54 -15.02
N ILE B 161 36.92 15.00 -14.63
CA ILE B 161 36.82 16.13 -13.69
C ILE B 161 36.05 15.81 -12.43
N THR B 162 34.73 15.54 -12.56
CA THR B 162 33.82 15.30 -11.44
C THR B 162 34.26 14.15 -10.56
N LEU B 163 34.41 12.95 -11.17
CA LEU B 163 34.80 11.72 -10.47
C LEU B 163 36.13 11.89 -9.70
N PRO B 164 37.25 12.38 -10.28
CA PRO B 164 38.45 12.56 -9.47
C PRO B 164 38.27 13.53 -8.29
N HIS B 165 37.36 14.52 -8.46
CA HIS B 165 37.05 15.53 -7.43
C HIS B 165 36.33 14.88 -6.27
N LEU B 166 35.34 14.04 -6.58
CA LEU B 166 34.54 13.29 -5.61
C LEU B 166 35.41 12.28 -4.85
N GLU B 167 36.38 11.67 -5.55
CA GLU B 167 37.34 10.73 -4.96
C GLU B 167 38.26 11.46 -3.97
N SER B 168 38.46 12.79 -4.16
CA SER B 168 39.27 13.63 -3.26
C SER B 168 38.54 13.86 -1.89
N GLN B 169 37.27 14.35 -1.95
CA GLN B 169 36.45 14.67 -0.78
C GLN B 169 35.89 13.40 -0.11
N SER B 170 36.62 12.85 0.88
CA SER B 170 36.22 11.64 1.60
C SER B 170 34.81 11.76 2.22
N LEU B 171 33.80 11.20 1.55
CA LEU B 171 32.39 11.21 1.97
C LEU B 171 32.09 10.01 2.89
N SER B 172 31.36 10.25 4.02
CA SER B 172 30.94 9.19 4.96
C SER B 172 29.51 8.75 4.70
N ILE B 173 29.36 7.49 4.31
CA ILE B 173 28.05 6.88 4.06
C ILE B 173 27.80 5.74 5.07
N GLN B 174 28.48 5.82 6.23
CA GLN B 174 28.32 4.87 7.31
C GLN B 174 26.88 4.80 7.82
N TRP B 175 26.15 5.92 7.80
CA TRP B 175 24.74 5.96 8.23
C TRP B 175 23.87 5.03 7.38
N VAL B 176 24.14 5.02 6.05
CA VAL B 176 23.51 4.18 5.03
C VAL B 176 23.87 2.72 5.33
N TYR B 177 25.17 2.44 5.47
CA TYR B 177 25.70 1.12 5.78
C TYR B 177 24.97 0.57 6.98
N ASN B 178 24.87 1.37 8.06
CA ASN B 178 24.17 1.01 9.30
C ASN B 178 22.68 0.71 9.09
N ILE B 179 22.01 1.41 8.16
CA ILE B 179 20.60 1.16 7.84
C ILE B 179 20.48 -0.20 7.14
N LEU B 180 21.34 -0.44 6.13
CA LEU B 180 21.43 -1.68 5.36
C LEU B 180 21.74 -2.90 6.25
N ASP B 181 22.67 -2.78 7.21
CA ASP B 181 22.98 -3.91 8.09
C ASP B 181 22.05 -4.00 9.35
N LYS B 182 20.93 -3.23 9.33
CA LYS B 182 19.89 -3.14 10.39
C LYS B 182 20.42 -2.64 11.74
N LYS B 183 21.64 -2.06 11.75
CA LYS B 183 22.31 -1.48 12.92
C LYS B 183 21.57 -0.20 13.37
N ALA B 184 20.91 0.46 12.40
CA ALA B 184 20.17 1.70 12.61
C ALA B 184 18.86 1.72 11.82
N GLU B 185 17.88 2.52 12.32
CA GLU B 185 16.53 2.73 11.75
C GLU B 185 15.83 1.43 11.34
N ALA B 186 16.26 0.34 11.97
CA ALA B 186 15.74 -0.99 11.72
C ALA B 186 14.18 -1.06 11.70
N ASP B 187 13.50 -0.43 12.71
CA ASP B 187 12.05 -0.38 12.83
C ASP B 187 11.34 0.23 11.62
N ARG B 188 11.87 1.29 11.09
CA ARG B 188 11.29 2.01 9.96
C ARG B 188 11.24 1.23 8.64
N ILE B 189 11.94 0.07 8.52
CA ILE B 189 11.99 -0.72 7.28
C ILE B 189 10.59 -1.16 6.86
N VAL B 190 10.10 -0.67 5.67
CA VAL B 190 8.76 -0.95 5.10
C VAL B 190 8.91 -2.26 4.35
N PHE B 191 9.99 -2.35 3.59
CA PHE B 191 10.24 -3.51 2.75
C PHE B 191 11.73 -3.79 2.52
N GLU B 192 12.06 -5.06 2.27
CA GLU B 192 13.41 -5.49 2.01
C GLU B 192 13.39 -6.70 1.10
N ASN B 193 14.18 -6.65 0.05
CA ASN B 193 14.48 -7.76 -0.83
C ASN B 193 15.95 -7.92 -0.46
N PRO B 194 16.29 -8.90 0.41
CA PRO B 194 17.65 -8.96 0.93
C PRO B 194 18.69 -9.58 0.01
N ASP B 195 18.40 -9.75 -1.31
CA ASP B 195 19.40 -10.28 -2.24
C ASP B 195 20.63 -9.35 -2.18
N PRO B 196 21.84 -9.93 -1.98
CA PRO B 196 23.04 -9.08 -1.85
C PRO B 196 23.35 -8.21 -3.06
N SER B 197 23.12 -8.73 -4.27
CA SER B 197 23.34 -8.07 -5.54
C SER B 197 22.12 -7.25 -6.01
N ASP B 198 21.03 -7.95 -6.37
CA ASP B 198 19.78 -7.39 -6.89
C ASP B 198 18.78 -6.90 -5.81
N GLY B 199 19.18 -7.01 -4.54
CA GLY B 199 18.36 -6.59 -3.41
C GLY B 199 18.46 -5.12 -3.02
N PHE B 200 17.40 -4.65 -2.29
CA PHE B 200 17.20 -3.28 -1.78
C PHE B 200 16.40 -3.24 -0.45
N VAL B 201 16.38 -2.06 0.23
CA VAL B 201 15.65 -1.75 1.48
C VAL B 201 14.81 -0.49 1.22
N LEU B 202 13.46 -0.62 1.38
CA LEU B 202 12.48 0.47 1.19
C LEU B 202 12.05 1.04 2.54
N ILE B 203 12.53 2.23 2.87
CA ILE B 203 12.22 2.91 4.13
C ILE B 203 11.55 4.26 3.86
N PRO B 204 10.61 4.77 4.70
CA PRO B 204 10.03 6.09 4.42
C PRO B 204 11.03 7.20 4.79
N ASP B 205 11.02 8.33 4.07
CA ASP B 205 11.94 9.41 4.38
C ASP B 205 11.67 9.95 5.76
N LEU B 206 12.74 10.36 6.47
CA LEU B 206 12.72 10.84 7.84
C LEU B 206 11.86 12.09 8.08
N LYS B 207 11.82 13.05 7.11
CA LYS B 207 10.99 14.26 7.26
C LYS B 207 9.48 13.92 7.11
N TRP B 208 9.15 12.80 6.39
CA TRP B 208 7.75 12.35 6.29
C TRP B 208 7.33 11.85 7.66
N ASN B 209 6.29 12.51 8.21
CA ASN B 209 5.65 12.26 9.51
C ASN B 209 4.70 11.06 9.47
N GLN B 210 4.44 10.52 8.26
CA GLN B 210 3.57 9.39 7.95
C GLN B 210 2.10 9.59 8.42
N GLN B 211 1.67 10.85 8.67
CA GLN B 211 0.30 11.08 9.17
C GLN B 211 -0.74 11.29 8.06
N GLN B 212 -0.28 11.33 6.79
CA GLN B 212 -1.10 11.56 5.61
C GLN B 212 -0.39 11.05 4.36
N LEU B 213 -1.18 10.71 3.35
CA LEU B 213 -0.69 10.20 2.08
C LEU B 213 -0.20 11.28 1.15
N ASP B 214 -0.83 12.47 1.20
CA ASP B 214 -0.54 13.64 0.34
C ASP B 214 0.96 13.92 0.09
N ASP B 215 1.77 13.89 1.17
CA ASP B 215 3.22 14.13 1.18
C ASP B 215 4.06 12.83 1.31
N LEU B 216 3.58 11.72 0.72
CA LEU B 216 4.26 10.41 0.78
C LEU B 216 5.68 10.51 0.16
N TYR B 217 6.73 10.38 0.95
CA TYR B 217 8.09 10.44 0.47
C TYR B 217 8.83 9.26 1.07
N LEU B 218 8.98 8.17 0.28
CA LEU B 218 9.69 6.92 0.64
C LEU B 218 11.02 6.89 -0.11
N ILE B 219 12.05 6.21 0.46
CA ILE B 219 13.37 6.16 -0.20
C ILE B 219 13.96 4.76 -0.09
N ALA B 220 14.27 4.13 -1.25
CA ALA B 220 14.83 2.77 -1.33
C ALA B 220 16.33 2.89 -1.42
N ILE B 221 17.07 1.87 -0.98
CA ILE B 221 18.55 1.83 -1.00
C ILE B 221 18.93 0.43 -1.41
N CYS B 222 19.78 0.28 -2.44
CA CYS B 222 20.23 -1.03 -2.90
C CYS B 222 21.21 -1.63 -1.92
N HIS B 223 21.15 -2.96 -1.76
CA HIS B 223 22.01 -3.71 -0.83
C HIS B 223 23.43 -3.79 -1.32
N ARG B 224 23.56 -3.78 -2.63
CA ARG B 224 24.83 -3.86 -3.32
C ARG B 224 25.63 -2.56 -3.13
N ARG B 225 26.72 -2.63 -2.36
CA ARG B 225 27.62 -1.49 -2.11
C ARG B 225 28.44 -1.19 -3.38
N GLY B 226 28.72 0.09 -3.63
CA GLY B 226 29.56 0.42 -4.77
C GLY B 226 28.93 1.26 -5.83
N ILE B 227 27.59 1.18 -6.02
CA ILE B 227 26.95 2.02 -7.04
C ILE B 227 26.85 3.41 -6.40
N ARG B 228 27.74 4.35 -6.81
CA ARG B 228 27.83 5.71 -6.26
C ARG B 228 26.65 6.54 -6.72
N SER B 229 26.55 6.75 -8.04
CA SER B 229 25.53 7.58 -8.66
C SER B 229 24.97 6.93 -9.91
N LEU B 230 24.02 7.63 -10.56
CA LEU B 230 23.35 7.30 -11.81
C LEU B 230 24.37 6.98 -12.94
N ARG B 231 25.61 7.54 -12.85
CA ARG B 231 26.72 7.36 -13.79
C ARG B 231 27.41 5.97 -13.66
N ASP B 232 27.23 5.28 -12.53
CA ASP B 232 27.85 3.97 -12.28
C ASP B 232 27.04 2.80 -12.86
N LEU B 233 25.82 3.11 -13.36
CA LEU B 233 24.82 2.19 -13.92
C LEU B 233 25.13 1.63 -15.33
N THR B 234 25.21 0.31 -15.37
CA THR B 234 25.44 -0.50 -16.58
C THR B 234 24.33 -1.58 -16.67
N PRO B 235 24.11 -2.26 -17.82
CA PRO B 235 23.09 -3.30 -17.88
C PRO B 235 23.12 -4.37 -16.76
N GLU B 236 24.29 -4.63 -16.11
CA GLU B 236 24.38 -5.60 -14.99
C GLU B 236 23.55 -5.13 -13.78
N HIS B 237 23.27 -3.81 -13.71
CA HIS B 237 22.47 -3.16 -12.67
C HIS B 237 20.94 -3.20 -12.94
N LEU B 238 20.53 -3.55 -14.20
CA LEU B 238 19.13 -3.67 -14.64
C LEU B 238 18.24 -4.51 -13.73
N PRO B 239 18.59 -5.75 -13.29
CA PRO B 239 17.65 -6.49 -12.42
C PRO B 239 17.41 -5.83 -11.06
N LEU B 240 18.47 -5.26 -10.42
CA LEU B 240 18.44 -4.55 -9.12
C LEU B 240 17.50 -3.36 -9.22
N LEU B 241 17.51 -2.65 -10.39
CA LEU B 241 16.63 -1.49 -10.66
C LEU B 241 15.14 -1.89 -10.83
N ARG B 242 14.88 -2.93 -11.65
CA ARG B 242 13.55 -3.46 -11.90
C ARG B 242 12.89 -3.93 -10.56
N ASN B 243 13.69 -4.49 -9.63
CA ASN B 243 13.18 -4.94 -8.34
C ASN B 243 12.81 -3.75 -7.53
N ILE B 244 13.66 -2.71 -7.56
CA ILE B 244 13.39 -1.48 -6.83
C ILE B 244 12.11 -0.81 -7.38
N LEU B 245 11.88 -0.92 -8.69
CA LEU B 245 10.73 -0.31 -9.34
C LEU B 245 9.47 -1.07 -9.01
N HIS B 246 9.38 -2.30 -9.47
CA HIS B 246 8.18 -3.09 -9.25
C HIS B 246 7.98 -3.51 -7.81
N GLN B 247 8.99 -4.12 -7.14
CA GLN B 247 8.92 -4.57 -5.75
C GLN B 247 8.62 -3.44 -4.75
N GLY B 248 9.23 -2.26 -4.96
CA GLY B 248 8.98 -1.10 -4.11
C GLY B 248 7.53 -0.62 -4.16
N GLN B 249 7.02 -0.35 -5.40
CA GLN B 249 5.64 0.10 -5.68
C GLN B 249 4.57 -0.84 -5.12
N GLU B 250 4.88 -2.14 -5.12
CA GLU B 250 4.03 -3.20 -4.61
C GLU B 250 4.12 -3.21 -3.09
N ALA B 251 5.30 -2.91 -2.51
CA ALA B 251 5.40 -2.80 -1.05
C ALA B 251 4.54 -1.63 -0.62
N ILE B 252 4.59 -0.49 -1.38
CA ILE B 252 3.80 0.74 -1.20
C ILE B 252 2.29 0.46 -1.32
N LEU B 253 1.88 -0.23 -2.38
CA LEU B 253 0.48 -0.57 -2.59
C LEU B 253 -0.08 -1.54 -1.53
N GLN B 254 0.78 -2.30 -0.85
CA GLN B 254 0.30 -3.21 0.18
C GLN B 254 0.22 -2.49 1.51
N ARG B 255 1.26 -1.72 1.87
CA ARG B 255 1.39 -1.01 3.15
C ARG B 255 0.61 0.30 3.22
N TYR B 256 0.46 0.99 2.09
CA TYR B 256 -0.23 2.29 2.04
C TYR B 256 -1.41 2.31 1.07
N ARG B 257 -1.68 1.19 0.39
CA ARG B 257 -2.75 1.03 -0.60
C ARG B 257 -2.75 2.17 -1.61
N MET B 258 -1.54 2.51 -2.10
CA MET B 258 -1.35 3.57 -3.07
C MET B 258 -0.85 3.01 -4.41
N LYS B 259 -1.73 3.13 -5.44
CA LYS B 259 -1.52 2.65 -6.79
C LYS B 259 -0.28 3.25 -7.43
N GLY B 260 0.29 2.53 -8.39
CA GLY B 260 1.45 2.98 -9.15
C GLY B 260 1.22 4.30 -9.86
N ASP B 261 0.01 4.50 -10.45
CA ASP B 261 -0.34 5.74 -11.18
C ASP B 261 -0.36 6.98 -10.26
N HIS B 262 -0.24 6.80 -8.93
CA HIS B 262 -0.14 7.95 -8.03
C HIS B 262 1.32 8.13 -7.57
N LEU B 263 2.28 7.53 -8.27
CA LEU B 263 3.66 7.63 -7.79
C LEU B 263 4.73 8.04 -8.81
N ARG B 264 5.58 9.00 -8.37
CA ARG B 264 6.74 9.54 -9.05
C ARG B 264 7.98 8.74 -8.54
N VAL B 265 8.59 7.90 -9.41
CA VAL B 265 9.77 7.06 -9.07
C VAL B 265 11.02 7.58 -9.82
N TYR B 266 11.80 8.40 -9.13
CA TYR B 266 12.98 9.06 -9.70
C TYR B 266 14.27 8.88 -8.91
N LEU B 267 15.38 9.19 -9.59
CA LEU B 267 16.75 9.14 -9.10
C LEU B 267 17.28 10.58 -9.10
N HIS B 268 18.19 10.90 -8.18
CA HIS B 268 18.76 12.25 -8.23
C HIS B 268 20.12 12.29 -8.91
N TYR B 269 20.41 13.39 -9.60
CA TYR B 269 21.70 13.62 -10.21
C TYR B 269 21.92 15.13 -10.38
N LEU B 270 22.90 15.76 -9.66
CA LEU B 270 23.87 15.16 -8.73
C LEU B 270 23.23 14.79 -7.37
N PRO B 271 23.47 13.58 -6.80
CA PRO B 271 22.81 13.23 -5.52
C PRO B 271 23.43 13.91 -4.30
N SER B 272 22.76 13.76 -3.12
CA SER B 272 23.17 14.31 -1.84
C SER B 272 24.31 13.48 -1.28
N TYR B 273 24.30 12.19 -1.59
CA TYR B 273 25.38 11.30 -1.22
C TYR B 273 25.56 10.30 -2.33
N TYR B 274 26.69 9.57 -2.32
CA TYR B 274 27.06 8.69 -3.41
C TYR B 274 27.00 7.19 -3.05
N HIS B 275 25.74 6.67 -3.02
CA HIS B 275 25.30 5.28 -2.88
C HIS B 275 23.84 5.12 -3.28
N LEU B 276 23.63 4.66 -4.54
CA LEU B 276 22.37 4.51 -5.24
C LEU B 276 21.20 4.28 -4.33
N HIS B 277 20.28 5.25 -4.39
CA HIS B 277 19.03 5.35 -3.65
C HIS B 277 17.98 5.97 -4.59
N VAL B 278 16.74 5.45 -4.62
CA VAL B 278 15.65 5.90 -5.48
C VAL B 278 14.56 6.56 -4.65
N HIS B 279 14.04 7.68 -5.16
CA HIS B 279 12.95 8.42 -4.55
C HIS B 279 11.64 7.90 -5.07
N PHE B 280 10.66 7.83 -4.17
CA PHE B 280 9.31 7.34 -4.41
C PHE B 280 8.38 8.37 -3.78
N THR B 281 7.89 9.30 -4.57
CA THR B 281 7.06 10.33 -4.00
C THR B 281 5.66 10.28 -4.51
N ALA B 282 4.72 10.82 -3.75
CA ALA B 282 3.31 10.95 -4.11
C ALA B 282 3.28 11.96 -5.24
N LEU B 283 2.51 11.67 -6.28
CA LEU B 283 2.45 12.48 -7.49
C LEU B 283 2.05 13.95 -7.28
N GLY B 284 0.98 14.20 -6.52
CA GLY B 284 0.46 15.54 -6.26
C GLY B 284 1.35 16.45 -5.45
N PHE B 285 2.29 15.85 -4.69
CA PHE B 285 3.28 16.48 -3.84
C PHE B 285 4.42 17.08 -4.72
N GLU B 286 4.68 18.41 -4.67
CA GLU B 286 5.78 19.06 -5.41
C GLU B 286 6.86 19.49 -4.40
N ALA B 287 7.98 18.72 -4.28
CA ALA B 287 9.09 18.99 -3.34
C ALA B 287 10.47 18.94 -3.95
N PRO B 288 11.20 20.13 -4.01
CA PRO B 288 12.55 20.22 -4.60
C PRO B 288 13.32 18.92 -4.65
N GLY B 289 13.30 18.39 -5.85
CA GLY B 289 13.88 17.11 -6.18
C GLY B 289 13.20 16.55 -7.40
N SER B 290 11.94 16.95 -7.66
CA SER B 290 11.20 16.53 -8.85
C SER B 290 11.60 17.38 -10.07
N GLY B 291 12.42 18.43 -9.85
CA GLY B 291 12.96 19.35 -10.85
C GLY B 291 13.77 18.62 -11.90
N VAL B 292 13.41 18.85 -13.17
CA VAL B 292 13.96 18.28 -14.41
C VAL B 292 15.51 18.30 -14.47
N GLU B 293 16.13 19.34 -13.87
CA GLU B 293 17.57 19.53 -13.78
C GLU B 293 18.24 18.61 -12.72
N ARG B 294 17.50 17.64 -12.13
CA ARG B 294 18.02 16.76 -11.09
C ARG B 294 17.41 15.35 -11.12
N ALA B 295 16.07 15.27 -11.28
CA ALA B 295 15.34 14.01 -11.32
C ALA B 295 15.49 13.26 -12.66
N HIS B 296 15.55 11.93 -12.58
CA HIS B 296 15.65 10.96 -13.69
C HIS B 296 14.74 9.78 -13.37
N LEU B 297 13.63 9.63 -14.12
CA LEU B 297 12.64 8.57 -13.86
C LEU B 297 13.25 7.16 -13.98
N LEU B 298 13.09 6.31 -12.91
CA LEU B 298 13.65 4.96 -12.90
C LEU B 298 13.17 4.16 -14.11
N ALA B 299 11.88 4.36 -14.50
CA ALA B 299 11.18 3.74 -15.65
C ALA B 299 11.97 3.94 -16.96
N GLU B 300 12.53 5.15 -17.11
CA GLU B 300 13.32 5.53 -18.25
C GLU B 300 14.79 5.17 -18.02
N VAL B 301 15.36 5.30 -16.78
CA VAL B 301 16.77 4.91 -16.48
C VAL B 301 16.94 3.45 -16.93
N ILE B 302 15.89 2.63 -16.72
CA ILE B 302 15.86 1.23 -17.13
C ILE B 302 15.72 1.12 -18.66
N GLU B 303 14.71 1.79 -19.28
CA GLU B 303 14.50 1.79 -20.73
C GLU B 303 15.73 2.25 -21.52
N ASN B 304 16.48 3.21 -20.94
CA ASN B 304 17.69 3.78 -21.52
C ASN B 304 18.78 2.71 -21.52
N LEU B 305 19.13 2.14 -20.35
CA LEU B 305 20.15 1.09 -20.20
C LEU B 305 19.89 -0.15 -21.06
N GLU B 306 18.60 -0.39 -21.37
CA GLU B 306 18.10 -1.48 -22.20
C GLU B 306 18.47 -1.21 -23.65
N CYS B 307 18.29 0.05 -24.09
CA CYS B 307 18.62 0.49 -25.44
C CYS B 307 20.14 0.69 -25.59
N ASP B 308 20.71 1.79 -25.04
CA ASP B 308 22.14 2.04 -25.07
C ASP B 308 22.78 1.50 -23.78
N PRO B 309 23.61 0.44 -23.86
CA PRO B 309 24.23 -0.10 -22.62
C PRO B 309 25.19 0.89 -21.92
N ARG B 310 26.00 1.59 -22.75
CA ARG B 310 27.00 2.57 -22.32
C ARG B 310 26.38 3.97 -22.12
N HIS B 311 25.02 4.08 -22.12
CA HIS B 311 24.24 5.32 -22.02
C HIS B 311 24.68 6.27 -20.92
N TYR B 312 24.48 5.90 -19.63
CA TYR B 312 24.80 6.80 -18.50
C TYR B 312 26.34 7.02 -18.25
N GLN B 313 27.18 6.31 -19.02
CA GLN B 313 28.64 6.41 -18.96
C GLN B 313 29.15 7.45 -19.97
N GLN B 314 28.42 7.64 -21.11
CA GLN B 314 28.85 8.54 -22.19
C GLN B 314 27.94 9.75 -22.39
N ARG B 315 26.62 9.59 -22.17
CA ARG B 315 25.65 10.66 -22.43
C ARG B 315 25.78 11.86 -21.48
N THR B 316 25.62 13.07 -22.04
CA THR B 316 25.72 14.33 -21.32
C THR B 316 24.53 14.56 -20.39
N LEU B 317 24.83 14.66 -19.06
CA LEU B 317 23.86 14.90 -17.99
C LEU B 317 23.89 16.36 -17.53
N THR B 318 22.68 16.92 -17.29
CA THR B 318 22.47 18.29 -16.83
C THR B 318 22.03 18.27 -15.39
N PHE B 319 22.61 19.18 -14.59
CA PHE B 319 22.33 19.37 -13.15
C PHE B 319 22.81 20.75 -12.72
N ALA B 320 22.24 21.26 -11.62
CA ALA B 320 22.65 22.55 -11.08
C ALA B 320 23.61 22.36 -9.89
N LEU B 321 24.40 23.41 -9.61
CA LEU B 321 25.36 23.47 -8.50
C LEU B 321 25.31 24.84 -7.82
N ARG B 322 25.66 24.84 -6.54
CA ARG B 322 25.69 26.04 -5.70
C ARG B 322 26.78 26.93 -6.25
N ALA B 323 26.57 28.26 -6.24
CA ALA B 323 27.57 29.20 -6.73
C ALA B 323 28.86 28.98 -5.97
N ASP B 324 28.75 28.79 -4.63
CA ASP B 324 29.87 28.53 -3.72
C ASP B 324 30.57 27.18 -4.01
N ASP B 325 29.83 26.14 -4.52
CA ASP B 325 30.40 24.82 -4.83
C ASP B 325 31.67 24.94 -5.70
N PRO B 326 32.81 24.33 -5.28
CA PRO B 326 34.06 24.47 -6.06
C PRO B 326 34.06 23.69 -7.37
N LEU B 327 33.34 22.52 -7.40
CA LEU B 327 33.19 21.65 -8.56
C LEU B 327 32.65 22.42 -9.75
N LEU B 328 31.62 23.26 -9.52
CA LEU B 328 30.99 24.13 -10.51
C LEU B 328 32.08 24.88 -11.30
N LYS B 329 33.03 25.55 -10.59
CA LYS B 329 34.15 26.29 -11.19
C LYS B 329 35.14 25.39 -11.94
N LEU B 330 35.37 24.17 -11.44
CA LEU B 330 36.27 23.18 -12.05
C LEU B 330 35.78 22.70 -13.42
N LEU B 331 34.46 22.65 -13.60
CA LEU B 331 33.80 22.26 -14.85
C LEU B 331 33.74 23.48 -15.80
N GLN B 332 33.32 24.66 -15.26
CA GLN B 332 33.28 25.94 -15.99
C GLN B 332 34.66 26.13 -16.59
N GLU B 333 35.73 25.89 -15.80
CA GLU B 333 37.15 26.00 -16.20
C GLU B 333 37.60 24.93 -17.20
N ALA B 334 37.18 23.67 -17.00
CA ALA B 334 37.52 22.55 -17.90
C ALA B 334 36.89 22.77 -19.27
N GLN B 335 35.73 23.49 -19.30
CA GLN B 335 34.99 23.85 -20.50
C GLN B 335 35.43 25.23 -21.08
N GLN B 336 36.72 25.65 -20.86
CA GLN B 336 37.36 26.89 -21.38
C GLN B 336 38.86 26.88 -21.11
N PRO C 39 -9.18 -53.45 -9.07
CA PRO C 39 -8.27 -54.47 -9.62
C PRO C 39 -8.00 -54.34 -11.12
N VAL C 40 -6.94 -53.54 -11.47
CA VAL C 40 -6.42 -53.25 -12.84
C VAL C 40 -7.49 -52.56 -13.72
N ARG C 41 -7.32 -51.23 -13.98
CA ARG C 41 -8.23 -50.40 -14.81
C ARG C 41 -7.51 -49.18 -15.45
N LEU C 42 -7.91 -48.78 -16.69
CA LEU C 42 -7.29 -47.66 -17.42
C LEU C 42 -8.15 -46.39 -17.51
N PRO C 43 -7.56 -45.17 -17.50
CA PRO C 43 -8.39 -43.95 -17.58
C PRO C 43 -8.79 -43.56 -19.01
N PHE C 44 -9.27 -42.30 -19.21
CA PHE C 44 -9.71 -41.77 -20.51
C PHE C 44 -8.55 -41.35 -21.43
N SER C 45 -8.88 -40.84 -22.63
CA SER C 45 -7.90 -40.41 -23.63
C SER C 45 -7.27 -39.04 -23.34
N GLY C 46 -6.01 -39.10 -22.88
CA GLY C 46 -5.14 -37.97 -22.57
C GLY C 46 -5.67 -36.84 -21.72
N PHE C 47 -5.35 -36.85 -20.39
CA PHE C 47 -5.75 -35.77 -19.50
C PHE C 47 -4.97 -34.50 -19.86
N ARG C 48 -5.68 -33.37 -19.83
CA ARG C 48 -5.15 -32.05 -20.14
C ARG C 48 -5.71 -31.10 -19.09
N LEU C 49 -4.98 -30.91 -17.96
CA LEU C 49 -5.40 -30.05 -16.86
C LEU C 49 -5.67 -28.61 -17.32
N GLN C 50 -6.92 -28.12 -17.13
CA GLN C 50 -7.35 -26.77 -17.53
C GLN C 50 -7.33 -25.80 -16.34
N LYS C 51 -8.01 -26.18 -15.24
CA LYS C 51 -8.07 -25.42 -13.99
C LYS C 51 -8.28 -26.37 -12.79
N VAL C 52 -7.92 -25.89 -11.61
CA VAL C 52 -8.04 -26.63 -10.35
C VAL C 52 -9.34 -26.15 -9.69
N LEU C 53 -10.32 -27.07 -9.50
CA LEU C 53 -11.64 -26.77 -8.91
C LEU C 53 -11.56 -26.36 -7.44
N ARG C 54 -10.94 -27.22 -6.61
CA ARG C 54 -10.76 -27.08 -5.17
C ARG C 54 -9.39 -27.64 -4.73
N GLU C 55 -8.86 -27.16 -3.60
CA GLU C 55 -7.60 -27.64 -3.02
C GLU C 55 -7.55 -27.38 -1.53
N SER C 56 -7.81 -28.42 -0.73
CA SER C 56 -7.73 -28.32 0.71
C SER C 56 -6.42 -28.93 1.17
N ALA C 57 -5.59 -28.08 1.78
CA ALA C 57 -4.28 -28.42 2.32
C ALA C 57 -4.42 -29.12 3.68
N ARG C 58 -5.47 -28.75 4.45
CA ARG C 58 -5.81 -29.31 5.76
C ARG C 58 -6.31 -30.77 5.59
N ASP C 59 -7.11 -31.01 4.53
CA ASP C 59 -7.71 -32.31 4.19
C ASP C 59 -6.83 -33.22 3.31
N LYS C 60 -5.75 -32.66 2.71
CA LYS C 60 -4.80 -33.36 1.82
C LYS C 60 -5.54 -33.98 0.61
N ILE C 61 -6.24 -33.12 -0.14
CA ILE C 61 -7.06 -33.48 -1.30
C ILE C 61 -6.93 -32.42 -2.42
N ILE C 62 -7.03 -32.86 -3.71
CA ILE C 62 -6.99 -31.97 -4.89
C ILE C 62 -8.11 -32.33 -5.91
N PHE C 63 -8.81 -31.29 -6.43
CA PHE C 63 -9.91 -31.39 -7.39
C PHE C 63 -9.42 -30.75 -8.69
N LEU C 64 -9.41 -31.51 -9.78
CA LEU C 64 -8.88 -31.06 -11.06
C LEU C 64 -9.82 -31.34 -12.23
N HIS C 65 -9.94 -30.35 -13.11
CA HIS C 65 -10.75 -30.42 -14.33
C HIS C 65 -9.85 -30.53 -15.56
N GLY C 66 -10.25 -31.37 -16.52
CA GLY C 66 -9.49 -31.59 -17.75
C GLY C 66 -10.30 -31.98 -18.97
N LYS C 67 -9.65 -31.89 -20.15
CA LYS C 67 -10.23 -32.25 -21.44
C LYS C 67 -9.35 -33.29 -22.15
N GLY C 77 -8.56 -34.60 -26.33
CA GLY C 77 -9.08 -35.25 -25.14
C GLY C 77 -10.59 -35.14 -24.98
N GLU C 78 -11.09 -35.60 -23.82
CA GLU C 78 -12.51 -35.59 -23.49
C GLU C 78 -12.78 -34.98 -22.11
N ASP C 79 -13.85 -34.15 -22.02
CA ASP C 79 -14.28 -33.40 -20.83
C ASP C 79 -14.68 -34.29 -19.64
N ALA C 80 -13.93 -34.16 -18.52
CA ALA C 80 -14.08 -34.91 -17.26
C ALA C 80 -13.48 -34.15 -16.04
N VAL C 81 -13.59 -34.74 -14.81
CA VAL C 81 -13.06 -34.23 -13.52
C VAL C 81 -12.39 -35.37 -12.72
N VAL C 82 -11.14 -35.13 -12.27
CA VAL C 82 -10.34 -36.09 -11.49
C VAL C 82 -10.05 -35.52 -10.10
N ILE C 83 -10.28 -36.34 -9.05
CA ILE C 83 -10.06 -36.01 -7.65
C ILE C 83 -9.05 -36.98 -7.03
N LEU C 84 -8.04 -36.45 -6.30
CA LEU C 84 -7.00 -37.23 -5.62
C LEU C 84 -7.02 -36.96 -4.12
N GLU C 85 -7.09 -38.01 -3.29
CA GLU C 85 -7.11 -37.88 -1.84
C GLU C 85 -6.04 -38.75 -1.19
N LYS C 86 -5.17 -38.14 -0.37
CA LYS C 86 -4.13 -38.86 0.34
C LYS C 86 -4.82 -39.73 1.38
N THR C 87 -4.64 -41.05 1.29
CA THR C 87 -5.30 -42.01 2.19
C THR C 87 -4.87 -41.91 3.66
N PRO C 88 -5.83 -41.98 4.63
CA PRO C 88 -5.45 -41.94 6.04
C PRO C 88 -4.70 -43.19 6.48
N PHE C 89 -3.64 -43.00 7.29
CA PHE C 89 -2.71 -44.00 7.83
C PHE C 89 -3.38 -45.23 8.44
N GLN C 90 -2.65 -46.36 8.48
CA GLN C 90 -3.14 -47.59 9.10
C GLN C 90 -2.24 -48.07 10.24
N VAL C 91 -2.78 -48.01 11.47
CA VAL C 91 -2.16 -48.35 12.76
C VAL C 91 -1.00 -49.35 12.68
N GLU C 92 -1.31 -50.57 12.21
CA GLU C 92 -0.34 -51.66 12.09
C GLU C 92 0.71 -51.40 11.02
N GLN C 93 0.30 -50.90 9.82
CA GLN C 93 1.19 -50.57 8.66
C GLN C 93 2.31 -49.54 8.98
N VAL C 94 1.98 -48.60 9.87
CA VAL C 94 2.81 -47.50 10.33
C VAL C 94 3.75 -47.98 11.47
N ALA C 95 3.18 -48.60 12.53
CA ALA C 95 3.93 -49.11 13.69
C ALA C 95 5.05 -50.08 13.28
N GLN C 96 4.76 -50.98 12.31
CA GLN C 96 5.65 -52.00 11.74
C GLN C 96 6.87 -51.38 11.04
N LEU C 97 6.65 -50.33 10.24
CA LEU C 97 7.71 -49.62 9.52
C LEU C 97 8.56 -48.78 10.49
N LEU C 98 7.95 -48.33 11.62
CA LEU C 98 8.58 -47.51 12.65
C LEU C 98 9.68 -48.25 13.40
N THR C 99 9.38 -49.48 13.88
CA THR C 99 10.32 -50.34 14.60
C THR C 99 11.49 -50.80 13.68
N GLY C 100 11.39 -50.49 12.38
CA GLY C 100 12.40 -50.84 11.39
C GLY C 100 13.31 -49.68 11.04
N SER C 101 13.91 -49.75 9.84
CA SER C 101 14.82 -48.75 9.29
C SER C 101 14.19 -48.00 8.10
N PRO C 102 13.46 -46.89 8.37
CA PRO C 102 12.82 -46.14 7.28
C PRO C 102 13.72 -45.08 6.62
N GLU C 103 13.27 -44.55 5.46
CA GLU C 103 13.99 -43.51 4.73
C GLU C 103 13.61 -42.17 5.33
N LEU C 104 14.58 -41.47 5.94
CA LEU C 104 14.35 -40.16 6.55
C LEU C 104 15.34 -39.11 5.99
N GLN C 105 14.86 -37.87 5.79
CA GLN C 105 15.66 -36.74 5.28
C GLN C 105 15.38 -35.52 6.18
N LEU C 106 16.37 -35.14 7.03
CA LEU C 106 16.28 -34.04 8.00
C LEU C 106 15.93 -32.67 7.36
N GLN C 107 14.74 -32.12 7.71
CA GLN C 107 14.32 -30.81 7.22
C GLN C 107 15.09 -29.77 8.05
N PHE C 108 14.88 -29.81 9.38
CA PHE C 108 15.55 -28.96 10.37
C PHE C 108 15.52 -29.61 11.74
N SER C 109 16.36 -29.11 12.64
CA SER C 109 16.45 -29.62 13.99
C SER C 109 16.71 -28.50 14.96
N ASN C 110 15.93 -28.49 16.04
CA ASN C 110 16.02 -27.47 17.07
C ASN C 110 15.69 -28.16 18.38
N ASP C 111 16.65 -28.14 19.33
CA ASP C 111 16.55 -28.74 20.66
C ASP C 111 16.17 -30.20 20.54
N ILE C 112 15.25 -30.66 21.40
CA ILE C 112 14.71 -32.00 21.50
C ILE C 112 13.84 -32.37 20.29
N TYR C 113 13.40 -31.35 19.56
CA TYR C 113 12.55 -31.46 18.36
C TYR C 113 13.40 -31.55 17.06
N SER C 114 12.83 -32.22 16.01
CA SER C 114 13.43 -32.41 14.67
C SER C 114 12.39 -33.00 13.67
N THR C 115 12.30 -32.40 12.45
CA THR C 115 11.39 -32.84 11.38
C THR C 115 12.13 -33.58 10.27
N TYR C 116 11.45 -34.56 9.64
CA TYR C 116 11.98 -35.40 8.57
C TYR C 116 11.02 -35.53 7.39
N HIS C 117 11.58 -35.78 6.19
CA HIS C 117 10.84 -36.04 4.96
C HIS C 117 10.95 -37.56 4.75
N LEU C 118 9.82 -38.27 4.82
CA LEU C 118 9.78 -39.75 4.76
C LEU C 118 9.20 -40.32 3.46
N PHE C 119 9.73 -41.50 3.03
CA PHE C 119 9.28 -42.22 1.85
C PHE C 119 8.97 -43.68 2.22
N PRO C 120 7.68 -44.01 2.45
CA PRO C 120 7.32 -45.38 2.86
C PRO C 120 7.12 -46.41 1.72
N PRO C 121 7.00 -47.75 1.99
CA PRO C 121 6.79 -48.71 0.89
C PRO C 121 5.41 -48.59 0.21
N ARG C 122 5.20 -49.34 -0.89
CA ARG C 122 4.01 -49.36 -1.75
C ARG C 122 2.66 -49.40 -1.01
N GLN C 123 2.53 -50.28 0.02
CA GLN C 123 1.29 -50.43 0.82
C GLN C 123 0.80 -49.09 1.39
N LEU C 124 1.72 -48.28 1.94
CA LEU C 124 1.44 -46.99 2.57
C LEU C 124 1.39 -45.82 1.57
N ASN C 125 1.57 -46.09 0.27
CA ASN C 125 1.57 -45.09 -0.81
C ASN C 125 0.22 -44.90 -1.53
N ASP C 126 -0.88 -45.46 -0.97
CA ASP C 126 -2.21 -45.38 -1.57
C ASP C 126 -2.80 -43.95 -1.62
N VAL C 127 -3.49 -43.64 -2.75
CA VAL C 127 -4.17 -42.36 -3.02
C VAL C 127 -5.55 -42.67 -3.65
N LYS C 128 -6.62 -42.04 -3.13
CA LYS C 128 -8.00 -42.17 -3.62
C LYS C 128 -8.19 -41.33 -4.90
N THR C 129 -8.36 -42.00 -6.05
CA THR C 129 -8.55 -41.35 -7.35
C THR C 129 -10.00 -41.47 -7.83
N THR C 130 -10.82 -40.45 -7.53
CA THR C 130 -12.21 -40.43 -7.94
C THR C 130 -12.31 -39.73 -9.30
N VAL C 131 -12.84 -40.42 -10.30
CA VAL C 131 -12.95 -39.87 -11.66
C VAL C 131 -14.43 -39.73 -12.04
N VAL C 132 -14.82 -38.54 -12.52
CA VAL C 132 -16.17 -38.21 -13.00
C VAL C 132 -16.03 -37.96 -14.50
N TYR C 133 -16.44 -38.94 -15.31
CA TYR C 133 -16.36 -38.87 -16.77
C TYR C 133 -17.70 -39.31 -17.42
N PRO C 134 -18.44 -38.38 -18.09
CA PRO C 134 -18.12 -36.97 -18.36
C PRO C 134 -18.57 -35.99 -17.28
N ALA C 135 -18.00 -34.77 -17.31
CA ALA C 135 -18.33 -33.71 -16.38
C ALA C 135 -19.09 -32.63 -17.14
N THR C 136 -20.27 -32.26 -16.63
CA THR C 136 -21.15 -31.25 -17.23
C THR C 136 -20.84 -29.86 -16.67
N GLU C 137 -21.54 -28.82 -17.16
CA GLU C 137 -21.38 -27.46 -16.68
C GLU C 137 -22.05 -27.31 -15.29
N LYS C 138 -22.95 -28.28 -14.94
CA LYS C 138 -23.62 -28.42 -13.65
C LYS C 138 -22.66 -29.10 -12.64
N HIS C 139 -21.83 -30.08 -13.11
CA HIS C 139 -20.81 -30.80 -12.33
C HIS C 139 -19.66 -29.86 -11.99
N LEU C 140 -19.19 -29.10 -13.00
CA LEU C 140 -18.13 -28.10 -12.93
C LEU C 140 -18.44 -27.12 -11.81
N GLN C 141 -19.64 -26.49 -11.85
CA GLN C 141 -20.14 -25.48 -10.92
C GLN C 141 -20.50 -25.99 -9.50
N LYS C 142 -20.56 -27.32 -9.30
CA LYS C 142 -20.80 -27.86 -7.96
C LYS C 142 -19.47 -27.92 -7.19
N TYR C 143 -18.32 -28.07 -7.92
CA TYR C 143 -16.96 -28.11 -7.37
C TYR C 143 -16.24 -26.77 -7.60
N LEU C 144 -17.00 -25.73 -8.07
CA LEU C 144 -16.58 -24.35 -8.41
C LEU C 144 -16.30 -23.46 -7.17
N ARG C 145 -15.47 -23.96 -6.22
CA ARG C 145 -15.13 -23.18 -5.03
C ARG C 145 -13.94 -22.28 -5.38
N GLN C 146 -14.23 -20.96 -5.40
CA GLN C 146 -13.39 -19.82 -5.82
C GLN C 146 -12.09 -19.59 -5.02
N ASP C 147 -11.45 -18.44 -5.28
CA ASP C 147 -10.25 -17.99 -4.61
C ASP C 147 -10.70 -17.00 -3.54
N LEU C 148 -10.14 -17.06 -2.33
CA LEU C 148 -10.58 -16.15 -1.28
C LEU C 148 -9.60 -15.08 -0.94
N ARG C 149 -10.13 -13.85 -0.84
CA ARG C 149 -9.37 -12.64 -0.53
C ARG C 149 -10.02 -11.96 0.65
N LEU C 150 -9.23 -11.60 1.64
CA LEU C 150 -9.68 -10.94 2.86
C LEU C 150 -9.90 -9.43 2.63
N ILE C 151 -10.90 -8.83 3.29
CA ILE C 151 -11.18 -7.40 3.21
C ILE C 151 -11.62 -6.87 4.59
N ARG C 152 -11.11 -5.68 4.96
CA ARG C 152 -11.44 -5.00 6.21
C ARG C 152 -12.36 -3.80 5.92
N GLU C 153 -13.58 -3.86 6.41
CA GLU C 153 -14.62 -2.86 6.19
C GLU C 153 -14.78 -1.97 7.40
N THR C 154 -14.70 -0.63 7.22
CA THR C 154 -14.96 0.23 8.38
C THR C 154 -16.41 0.57 8.45
N GLY C 155 -16.72 1.33 9.50
CA GLY C 155 -18.05 1.85 9.78
C GLY C 155 -18.52 2.54 8.53
N ASP C 156 -17.74 3.53 8.07
CA ASP C 156 -18.06 4.29 6.86
C ASP C 156 -18.03 3.44 5.58
N ASP C 157 -17.17 2.41 5.50
CA ASP C 157 -17.11 1.56 4.30
C ASP C 157 -18.42 0.85 4.06
N TYR C 158 -19.07 0.39 5.13
CA TYR C 158 -20.37 -0.27 5.03
C TYR C 158 -21.41 0.74 4.56
N ARG C 159 -21.59 1.82 5.33
CA ARG C 159 -22.53 2.93 5.13
C ARG C 159 -22.51 3.44 3.70
N ASN C 160 -21.30 3.73 3.17
CA ASN C 160 -21.07 4.32 1.85
C ASN C 160 -20.81 3.32 0.69
N ILE C 161 -20.39 2.06 0.96
CA ILE C 161 -20.09 1.12 -0.13
C ILE C 161 -20.90 -0.16 -0.08
N THR C 162 -20.69 -1.00 0.96
CA THR C 162 -21.33 -2.32 1.10
C THR C 162 -22.83 -2.25 1.10
N LEU C 163 -23.40 -1.47 2.06
CA LEU C 163 -24.84 -1.30 2.24
C LEU C 163 -25.54 -0.83 0.95
N PRO C 164 -25.09 0.24 0.25
CA PRO C 164 -25.78 0.60 -1.01
C PRO C 164 -25.71 -0.50 -2.07
N HIS C 165 -24.64 -1.34 -2.04
CA HIS C 165 -24.44 -2.46 -2.98
C HIS C 165 -25.45 -3.55 -2.72
N LEU C 166 -25.62 -3.89 -1.44
CA LEU C 166 -26.58 -4.89 -0.96
C LEU C 166 -28.02 -4.47 -1.25
N GLU C 167 -28.31 -3.15 -1.12
CA GLU C 167 -29.61 -2.57 -1.43
C GLU C 167 -29.91 -2.68 -2.92
N SER C 168 -28.85 -2.75 -3.77
CA SER C 168 -28.98 -2.91 -5.23
C SER C 168 -29.41 -4.34 -5.62
N GLN C 169 -28.73 -5.38 -5.06
CA GLN C 169 -28.99 -6.81 -5.32
C GLN C 169 -30.45 -7.16 -4.93
N SER C 170 -31.26 -7.67 -5.89
CA SER C 170 -32.65 -8.02 -5.58
C SER C 170 -32.68 -9.35 -4.80
N LEU C 171 -32.59 -9.26 -3.46
CA LEU C 171 -32.54 -10.40 -2.53
C LEU C 171 -33.90 -11.07 -2.24
N SER C 172 -33.89 -12.40 -1.98
CA SER C 172 -35.09 -13.12 -1.57
C SER C 172 -34.86 -13.95 -0.30
N ILE C 173 -35.53 -13.54 0.78
CA ILE C 173 -35.47 -14.22 2.06
C ILE C 173 -36.85 -14.79 2.40
N GLN C 174 -37.67 -15.03 1.36
CA GLN C 174 -38.99 -15.60 1.50
C GLN C 174 -38.96 -16.97 2.17
N TRP C 175 -37.89 -17.78 1.95
CA TRP C 175 -37.73 -19.09 2.57
C TRP C 175 -37.70 -18.98 4.11
N VAL C 176 -36.98 -17.93 4.61
CA VAL C 176 -36.84 -17.55 6.02
C VAL C 176 -38.22 -17.13 6.53
N TYR C 177 -38.86 -16.19 5.84
CA TYR C 177 -40.18 -15.69 6.18
C TYR C 177 -41.12 -16.87 6.36
N ASN C 178 -41.14 -17.82 5.40
CA ASN C 178 -41.95 -19.03 5.44
C ASN C 178 -41.65 -19.93 6.65
N ILE C 179 -40.38 -20.00 7.09
CA ILE C 179 -40.00 -20.78 8.28
C ILE C 179 -40.58 -20.11 9.52
N LEU C 180 -40.38 -18.78 9.64
CA LEU C 180 -40.88 -17.93 10.73
C LEU C 180 -42.42 -17.96 10.85
N ASP C 181 -43.16 -17.93 9.72
CA ASP C 181 -44.61 -17.97 9.79
C ASP C 181 -45.18 -19.43 9.80
N LYS C 182 -44.29 -20.44 10.03
CA LYS C 182 -44.57 -21.89 10.11
C LYS C 182 -45.15 -22.47 8.80
N LYS C 183 -45.06 -21.71 7.70
CA LYS C 183 -45.51 -22.10 6.36
C LYS C 183 -44.62 -23.23 5.82
N ALA C 184 -43.35 -23.28 6.28
CA ALA C 184 -42.34 -24.24 5.87
C ALA C 184 -41.50 -24.72 7.05
N GLU C 185 -40.94 -25.93 6.93
CA GLU C 185 -40.10 -26.61 7.93
C GLU C 185 -40.67 -26.58 9.35
N ALA C 186 -41.99 -26.38 9.46
CA ALA C 186 -42.73 -26.29 10.70
C ALA C 186 -42.38 -27.41 11.71
N ASP C 187 -42.37 -28.70 11.27
CA ASP C 187 -42.05 -29.88 12.10
C ASP C 187 -40.66 -29.83 12.73
N ARG C 188 -39.66 -29.37 12.00
CA ARG C 188 -38.28 -29.32 12.47
C ARG C 188 -38.03 -28.35 13.64
N ILE C 189 -39.01 -27.46 13.97
CA ILE C 189 -38.87 -26.46 15.06
C ILE C 189 -38.64 -27.15 16.40
N VAL C 190 -37.53 -26.78 17.07
CA VAL C 190 -37.05 -27.35 18.34
C VAL C 190 -37.56 -26.53 19.50
N PHE C 191 -37.54 -25.23 19.29
CA PHE C 191 -37.88 -24.23 20.27
C PHE C 191 -38.26 -22.98 19.51
N GLU C 192 -39.14 -22.22 20.13
CA GLU C 192 -39.60 -20.95 19.65
C GLU C 192 -39.93 -20.09 20.85
N ASN C 193 -39.44 -18.87 20.85
CA ASN C 193 -39.79 -17.82 21.79
C ASN C 193 -40.54 -16.92 20.83
N PRO C 194 -41.88 -16.95 20.81
CA PRO C 194 -42.61 -16.23 19.78
C PRO C 194 -42.79 -14.73 20.00
N ASP C 195 -42.01 -14.10 20.93
CA ASP C 195 -42.08 -12.65 21.13
C ASP C 195 -41.77 -11.99 19.77
N PRO C 196 -42.64 -11.06 19.30
CA PRO C 196 -42.41 -10.45 17.98
C PRO C 196 -41.10 -9.69 17.84
N SER C 197 -40.70 -8.98 18.91
CA SER C 197 -39.47 -8.19 18.98
C SER C 197 -38.24 -9.03 19.43
N ASP C 198 -38.26 -9.46 20.71
CA ASP C 198 -37.20 -10.21 21.37
C ASP C 198 -37.24 -11.74 21.13
N GLY C 199 -38.20 -12.19 20.33
CA GLY C 199 -38.38 -13.60 20.00
C GLY C 199 -37.60 -14.14 18.81
N PHE C 200 -37.57 -15.50 18.73
CA PHE C 200 -36.86 -16.29 17.73
C PHE C 200 -37.43 -17.72 17.50
N VAL C 201 -36.79 -18.45 16.53
CA VAL C 201 -37.14 -19.83 16.16
C VAL C 201 -35.84 -20.59 15.99
N LEU C 202 -35.68 -21.70 16.76
CA LEU C 202 -34.47 -22.53 16.72
C LEU C 202 -34.79 -23.78 15.96
N ILE C 203 -34.00 -24.08 14.94
CA ILE C 203 -34.21 -25.28 14.13
C ILE C 203 -32.89 -25.98 13.95
N PRO C 204 -32.81 -27.30 13.81
CA PRO C 204 -31.51 -27.89 13.52
C PRO C 204 -31.22 -27.65 12.05
N ASP C 205 -29.96 -27.54 11.64
CA ASP C 205 -29.82 -27.30 10.22
C ASP C 205 -30.13 -28.49 9.37
N LEU C 206 -30.65 -28.16 8.18
CA LEU C 206 -31.01 -29.02 7.06
C LEU C 206 -29.82 -30.00 6.84
N LYS C 207 -28.57 -29.44 6.92
CA LYS C 207 -27.26 -30.11 6.76
C LYS C 207 -26.95 -31.18 7.86
N TRP C 208 -27.66 -31.18 9.02
CA TRP C 208 -27.50 -32.16 10.13
C TRP C 208 -28.57 -33.22 10.04
N ASN C 209 -28.13 -34.51 10.02
CA ASN C 209 -28.97 -35.72 9.94
C ASN C 209 -29.57 -36.12 11.29
N GLN C 210 -29.15 -35.43 12.37
CA GLN C 210 -29.58 -35.61 13.76
C GLN C 210 -29.32 -37.03 14.32
N GLN C 211 -28.42 -37.82 13.69
CA GLN C 211 -28.20 -39.19 14.14
C GLN C 211 -27.07 -39.33 15.17
N GLN C 212 -26.38 -38.21 15.48
CA GLN C 212 -25.26 -38.15 16.40
C GLN C 212 -25.07 -36.73 16.90
N LEU C 213 -24.47 -36.61 18.10
CA LEU C 213 -24.22 -35.32 18.72
C LEU C 213 -22.97 -34.64 18.20
N ASP C 214 -21.95 -35.43 17.81
CA ASP C 214 -20.64 -34.96 17.31
C ASP C 214 -20.69 -33.76 16.35
N ASP C 215 -21.60 -33.82 15.34
CA ASP C 215 -21.82 -32.82 14.30
C ASP C 215 -23.09 -31.96 14.53
N LEU C 216 -23.43 -31.68 15.81
CA LEU C 216 -24.62 -30.90 16.17
C LEU C 216 -24.57 -29.48 15.53
N TYR C 217 -25.52 -29.16 14.62
CA TYR C 217 -25.56 -27.85 13.94
C TYR C 217 -26.99 -27.34 13.95
N LEU C 218 -27.31 -26.48 14.92
CA LEU C 218 -28.64 -25.86 15.08
C LEU C 218 -28.55 -24.36 14.62
N ILE C 219 -29.66 -23.74 14.12
CA ILE C 219 -29.71 -22.33 13.64
C ILE C 219 -30.89 -21.56 14.28
N ALA C 220 -30.66 -20.30 14.72
CA ALA C 220 -31.73 -19.53 15.38
C ALA C 220 -32.06 -18.29 14.60
N ILE C 221 -33.31 -18.17 14.15
CA ILE C 221 -33.72 -17.01 13.37
C ILE C 221 -34.62 -16.14 14.23
N CYS C 222 -34.30 -14.84 14.35
CA CYS C 222 -35.11 -13.93 15.14
C CYS C 222 -36.43 -13.63 14.45
N HIS C 223 -37.50 -13.45 15.22
CA HIS C 223 -38.84 -13.17 14.72
C HIS C 223 -38.98 -11.78 14.17
N ARG C 224 -38.19 -10.87 14.72
CA ARG C 224 -38.17 -9.49 14.35
C ARG C 224 -37.53 -9.32 12.95
N ARG C 225 -38.36 -8.96 11.94
CA ARG C 225 -37.90 -8.73 10.56
C ARG C 225 -37.12 -7.40 10.51
N GLY C 226 -36.10 -7.33 9.67
CA GLY C 226 -35.36 -6.08 9.52
C GLY C 226 -33.91 -6.11 9.91
N ILE C 227 -33.51 -6.96 10.87
CA ILE C 227 -32.09 -7.03 11.25
C ILE C 227 -31.42 -7.83 10.14
N ARG C 228 -30.71 -7.14 9.21
CA ARG C 228 -30.04 -7.74 8.06
C ARG C 228 -28.82 -8.54 8.50
N SER C 229 -27.85 -7.85 9.10
CA SER C 229 -26.58 -8.43 9.53
C SER C 229 -26.17 -7.91 10.90
N LEU C 230 -25.01 -8.38 11.35
CA LEU C 230 -24.31 -8.02 12.59
C LEU C 230 -24.11 -6.49 12.72
N ARG C 231 -24.08 -5.76 11.58
CA ARG C 231 -23.95 -4.30 11.48
C ARG C 231 -25.22 -3.52 11.86
N ASP C 232 -26.39 -4.18 11.83
CA ASP C 232 -27.67 -3.54 12.13
C ASP C 232 -27.97 -3.50 13.63
N LEU C 233 -27.12 -4.20 14.43
CA LEU C 233 -27.21 -4.37 15.90
C LEU C 233 -26.85 -3.15 16.77
N THR C 234 -27.84 -2.75 17.59
CA THR C 234 -27.73 -1.64 18.55
C THR C 234 -28.18 -2.14 19.96
N PRO C 235 -27.91 -1.41 21.07
CA PRO C 235 -28.37 -1.87 22.39
C PRO C 235 -29.84 -2.27 22.50
N GLU C 236 -30.75 -1.76 21.63
CA GLU C 236 -32.19 -2.15 21.65
C GLU C 236 -32.36 -3.61 21.30
N HIS C 237 -31.36 -4.20 20.62
CA HIS C 237 -31.34 -5.61 20.24
C HIS C 237 -30.88 -6.53 21.38
N LEU C 238 -30.10 -6.00 22.34
CA LEU C 238 -29.56 -6.74 23.46
C LEU C 238 -30.50 -7.77 24.06
N PRO C 239 -31.80 -7.49 24.42
CA PRO C 239 -32.64 -8.56 24.99
C PRO C 239 -32.90 -9.72 24.02
N LEU C 240 -33.15 -9.42 22.71
CA LEU C 240 -33.37 -10.42 21.64
C LEU C 240 -32.17 -11.34 21.48
N LEU C 241 -30.95 -10.80 21.67
CA LEU C 241 -29.72 -11.60 21.61
C LEU C 241 -29.52 -12.53 22.86
N ARG C 242 -29.73 -11.97 24.08
CA ARG C 242 -29.61 -12.67 25.35
C ARG C 242 -30.58 -13.88 25.40
N ASN C 243 -31.74 -13.80 24.69
CA ASN C 243 -32.70 -14.91 24.64
C ASN C 243 -32.06 -15.98 23.79
N ILE C 244 -31.82 -15.66 22.52
CA ILE C 244 -31.12 -16.50 21.53
C ILE C 244 -29.91 -17.23 22.18
N LEU C 245 -29.21 -16.59 23.12
CA LEU C 245 -28.07 -17.18 23.82
C LEU C 245 -28.49 -18.09 24.95
N HIS C 246 -29.03 -17.53 26.05
CA HIS C 246 -29.41 -18.36 27.19
C HIS C 246 -30.55 -19.32 26.90
N GLN C 247 -31.70 -18.84 26.34
CA GLN C 247 -32.87 -19.66 25.98
C GLN C 247 -32.53 -20.77 24.97
N GLY C 248 -31.69 -20.47 23.98
CA GLY C 248 -31.25 -21.38 22.95
C GLY C 248 -30.48 -22.57 23.50
N GLN C 249 -29.46 -22.28 24.35
CA GLN C 249 -28.57 -23.27 25.00
C GLN C 249 -29.30 -24.18 25.97
N GLU C 250 -30.33 -23.63 26.63
CA GLU C 250 -31.20 -24.32 27.59
C GLU C 250 -32.18 -25.18 26.81
N ALA C 251 -32.65 -24.71 25.63
CA ALA C 251 -33.50 -25.53 24.78
C ALA C 251 -32.68 -26.76 24.33
N ILE C 252 -31.39 -26.52 23.94
CA ILE C 252 -30.40 -27.52 23.51
C ILE C 252 -30.10 -28.51 24.67
N LEU C 253 -29.87 -28.01 25.88
CA LEU C 253 -29.61 -28.86 27.04
C LEU C 253 -30.85 -29.70 27.46
N GLN C 254 -32.04 -29.28 27.05
CA GLN C 254 -33.23 -30.04 27.38
C GLN C 254 -33.49 -31.09 26.32
N ARG C 255 -33.39 -30.71 25.03
CA ARG C 255 -33.70 -31.58 23.90
C ARG C 255 -32.56 -32.52 23.54
N TYR C 256 -31.30 -32.10 23.74
CA TYR C 256 -30.13 -32.90 23.38
C TYR C 256 -29.21 -33.20 24.56
N ARG C 257 -29.56 -32.72 25.75
CA ARG C 257 -28.80 -32.88 27.00
C ARG C 257 -27.33 -32.53 26.78
N MET C 258 -27.11 -31.40 26.07
CA MET C 258 -25.78 -30.91 25.75
C MET C 258 -25.50 -29.57 26.45
N LYS C 259 -24.55 -29.62 27.41
CA LYS C 259 -24.14 -28.51 28.25
C LYS C 259 -23.63 -27.36 27.40
N GLY C 260 -23.72 -26.16 27.96
CA GLY C 260 -23.21 -24.95 27.34
C GLY C 260 -21.73 -25.03 27.00
N ASP C 261 -20.91 -25.60 27.90
CA ASP C 261 -19.45 -25.73 27.68
C ASP C 261 -19.10 -26.62 26.48
N HIS C 262 -20.09 -27.33 25.88
CA HIS C 262 -19.80 -28.08 24.65
C HIS C 262 -20.34 -27.32 23.42
N LEU C 263 -20.61 -26.01 23.54
CA LEU C 263 -21.20 -25.30 22.42
C LEU C 263 -20.57 -23.97 22.01
N ARG C 264 -20.38 -23.85 20.68
CA ARG C 264 -19.89 -22.69 19.94
C ARG C 264 -21.15 -21.91 19.44
N VAL C 265 -21.42 -20.70 20.03
CA VAL C 265 -22.57 -19.85 19.67
C VAL C 265 -22.09 -18.59 18.95
N TYR C 266 -22.11 -18.64 17.61
CA TYR C 266 -21.58 -17.56 16.79
C TYR C 266 -22.54 -17.03 15.73
N LEU C 267 -22.19 -15.86 15.20
CA LEU C 267 -22.87 -15.12 14.16
C LEU C 267 -21.96 -15.05 12.94
N HIS C 268 -22.52 -15.00 11.74
CA HIS C 268 -21.66 -14.87 10.58
C HIS C 268 -21.55 -13.43 10.07
N TYR C 269 -20.40 -13.08 9.53
CA TYR C 269 -20.17 -11.78 8.89
C TYR C 269 -19.00 -11.89 7.90
N LEU C 270 -19.24 -11.76 6.56
CA LEU C 270 -20.51 -11.45 5.89
C LEU C 270 -21.51 -12.66 5.87
N PRO C 271 -22.84 -12.51 6.24
CA PRO C 271 -23.78 -13.66 6.24
C PRO C 271 -24.32 -14.05 4.86
N SER C 272 -24.76 -15.34 4.68
CA SER C 272 -25.29 -15.90 3.42
C SER C 272 -26.61 -15.29 3.03
N TYR C 273 -27.35 -14.81 4.01
CA TYR C 273 -28.62 -14.15 3.80
C TYR C 273 -28.74 -13.07 4.83
N TYR C 274 -29.30 -11.94 4.41
CA TYR C 274 -29.36 -10.79 5.27
C TYR C 274 -30.68 -10.70 6.07
N HIS C 275 -30.73 -11.54 7.13
CA HIS C 275 -31.74 -11.61 8.18
C HIS C 275 -31.21 -12.41 9.37
N LEU C 276 -30.75 -11.67 10.42
CA LEU C 276 -30.11 -12.15 11.64
C LEU C 276 -30.52 -13.54 12.02
N HIS C 277 -29.52 -14.43 12.01
CA HIS C 277 -29.58 -15.87 12.31
C HIS C 277 -28.32 -16.24 13.12
N VAL C 278 -28.44 -17.09 14.14
CA VAL C 278 -27.29 -17.44 14.98
C VAL C 278 -27.00 -18.91 14.90
N HIS C 279 -25.73 -19.23 14.77
CA HIS C 279 -25.23 -20.58 14.68
C HIS C 279 -24.95 -21.13 16.06
N PHE C 280 -25.28 -22.41 16.26
CA PHE C 280 -25.09 -23.16 17.49
C PHE C 280 -24.46 -24.49 17.07
N THR C 281 -23.13 -24.58 17.09
CA THR C 281 -22.51 -25.85 16.72
C THR C 281 -21.87 -26.52 17.90
N ALA C 282 -21.65 -27.83 17.78
CA ALA C 282 -20.96 -28.65 18.76
C ALA C 282 -19.51 -28.21 18.68
N LEU C 283 -18.86 -28.07 19.84
CA LEU C 283 -17.50 -27.56 19.95
C LEU C 283 -16.44 -28.36 19.17
N GLY C 284 -16.43 -29.69 19.32
CA GLY C 284 -15.45 -30.56 18.66
C GLY C 284 -15.52 -30.64 17.15
N PHE C 285 -16.70 -30.28 16.60
CA PHE C 285 -17.04 -30.23 15.20
C PHE C 285 -16.36 -29.02 14.56
N GLU C 286 -15.52 -29.30 13.54
CA GLU C 286 -14.78 -28.31 12.75
C GLU C 286 -15.75 -27.67 11.72
N ALA C 287 -16.84 -27.04 12.25
CA ALA C 287 -17.95 -26.40 11.54
C ALA C 287 -17.53 -25.41 10.45
N PRO C 288 -18.04 -25.60 9.20
CA PRO C 288 -17.70 -24.64 8.14
C PRO C 288 -18.40 -23.31 8.48
N GLY C 289 -17.59 -22.35 8.94
CA GLY C 289 -18.05 -21.05 9.39
C GLY C 289 -17.54 -20.64 10.76
N SER C 290 -16.74 -21.52 11.39
CA SER C 290 -16.13 -21.23 12.70
C SER C 290 -14.85 -20.40 12.52
N GLY C 291 -14.45 -20.16 11.26
CA GLY C 291 -13.28 -19.37 10.89
C GLY C 291 -13.37 -17.94 11.40
N VAL C 292 -12.30 -17.49 12.11
CA VAL C 292 -12.08 -16.17 12.73
C VAL C 292 -12.45 -14.98 11.80
N GLU C 293 -12.24 -15.16 10.48
CA GLU C 293 -12.53 -14.19 9.45
C GLU C 293 -14.03 -14.10 9.11
N ARG C 294 -14.91 -14.75 9.88
CA ARG C 294 -16.35 -14.77 9.60
C ARG C 294 -17.21 -14.88 10.87
N ALA C 295 -16.83 -15.77 11.81
CA ALA C 295 -17.54 -15.99 13.07
C ALA C 295 -17.29 -14.88 14.10
N HIS C 296 -18.36 -14.57 14.88
CA HIS C 296 -18.42 -13.57 15.95
C HIS C 296 -19.25 -14.15 17.07
N LEU C 297 -18.62 -14.48 18.20
CA LEU C 297 -19.32 -15.11 19.33
C LEU C 297 -20.43 -14.22 19.90
N LEU C 298 -21.66 -14.77 19.99
CA LEU C 298 -22.83 -14.06 20.52
C LEU C 298 -22.52 -13.47 21.90
N ALA C 299 -21.81 -14.26 22.75
CA ALA C 299 -21.36 -13.93 24.12
C ALA C 299 -20.61 -12.58 24.15
N GLU C 300 -19.78 -12.34 23.12
CA GLU C 300 -19.01 -11.15 23.00
C GLU C 300 -19.78 -10.09 22.24
N VAL C 301 -20.56 -10.48 21.20
CA VAL C 301 -21.36 -9.49 20.45
C VAL C 301 -22.17 -8.71 21.52
N ILE C 302 -22.75 -9.45 22.53
CA ILE C 302 -23.53 -8.87 23.64
C ILE C 302 -22.65 -8.04 24.58
N GLU C 303 -21.51 -8.59 25.08
CA GLU C 303 -20.56 -7.88 25.94
C GLU C 303 -20.05 -6.58 25.32
N ASN C 304 -19.93 -6.58 23.98
CA ASN C 304 -19.45 -5.46 23.21
C ASN C 304 -20.49 -4.33 23.10
N LEU C 305 -21.76 -4.66 22.79
CA LEU C 305 -22.84 -3.67 22.69
C LEU C 305 -23.11 -3.04 24.05
N GLU C 306 -22.85 -3.84 25.11
CA GLU C 306 -23.00 -3.43 26.49
C GLU C 306 -22.00 -2.33 26.78
N CYS C 307 -20.75 -2.52 26.31
CA CYS C 307 -19.69 -1.55 26.47
C CYS C 307 -19.85 -0.38 25.49
N ASP C 308 -19.52 -0.58 24.18
CA ASP C 308 -19.69 0.46 23.16
C ASP C 308 -21.04 0.27 22.47
N PRO C 309 -22.02 1.18 22.67
CA PRO C 309 -23.33 1.01 22.02
C PRO C 309 -23.28 1.07 20.49
N ARG C 310 -22.47 2.01 19.96
CA ARG C 310 -22.28 2.27 18.54
C ARG C 310 -21.21 1.35 17.93
N HIS C 311 -20.76 0.32 18.69
CA HIS C 311 -19.68 -0.60 18.31
C HIS C 311 -19.79 -1.17 16.91
N TYR C 312 -20.80 -2.03 16.64
CA TYR C 312 -20.94 -2.71 15.34
C TYR C 312 -21.33 -1.77 14.15
N GLN C 313 -21.60 -0.49 14.45
CA GLN C 313 -21.97 0.53 13.48
C GLN C 313 -20.72 1.31 13.00
N GLN C 314 -19.69 1.43 13.89
CA GLN C 314 -18.48 2.20 13.58
C GLN C 314 -17.20 1.36 13.46
N ARG C 315 -17.10 0.25 14.25
CA ARG C 315 -15.89 -0.56 14.28
C ARG C 315 -15.63 -1.33 12.99
N THR C 316 -14.34 -1.40 12.62
CA THR C 316 -13.86 -2.10 11.43
C THR C 316 -13.96 -3.63 11.58
N LEU C 317 -14.77 -4.25 10.69
CA LEU C 317 -14.98 -5.70 10.60
C LEU C 317 -14.18 -6.32 9.45
N THR C 318 -13.61 -7.50 9.73
CA THR C 318 -12.81 -8.29 8.78
C THR C 318 -13.59 -9.52 8.35
N PHE C 319 -13.55 -9.81 7.03
CA PHE C 319 -14.21 -10.93 6.36
C PHE C 319 -13.56 -11.17 5.01
N ALA C 320 -13.69 -12.38 4.47
CA ALA C 320 -13.15 -12.70 3.17
C ALA C 320 -14.24 -12.64 2.08
N LEU C 321 -13.82 -12.45 0.83
CA LEU C 321 -14.71 -12.37 -0.33
C LEU C 321 -14.13 -13.13 -1.51
N ARG C 322 -15.03 -13.72 -2.32
CA ARG C 322 -14.68 -14.51 -3.51
C ARG C 322 -13.97 -13.57 -4.45
N ALA C 323 -12.94 -14.06 -5.16
CA ALA C 323 -12.20 -13.22 -6.13
C ALA C 323 -13.19 -12.67 -7.16
N ASP C 324 -14.12 -13.53 -7.62
CA ASP C 324 -15.18 -13.20 -8.56
C ASP C 324 -16.18 -12.17 -8.02
N ASP C 325 -16.45 -12.17 -6.68
CA ASP C 325 -17.40 -11.24 -6.05
C ASP C 325 -17.10 -9.79 -6.45
N PRO C 326 -18.10 -9.03 -6.96
CA PRO C 326 -17.85 -7.64 -7.40
C PRO C 326 -17.64 -6.66 -6.25
N LEU C 327 -18.28 -6.92 -5.08
CA LEU C 327 -18.18 -6.11 -3.86
C LEU C 327 -16.72 -5.98 -3.44
N LEU C 328 -15.98 -7.11 -3.45
CA LEU C 328 -14.55 -7.18 -3.14
C LEU C 328 -13.80 -6.07 -3.85
N LYS C 329 -13.99 -5.93 -5.20
CA LYS C 329 -13.35 -4.90 -6.03
C LYS C 329 -13.82 -3.48 -5.68
N LEU C 330 -15.11 -3.31 -5.30
CA LEU C 330 -15.69 -2.02 -4.91
C LEU C 330 -15.07 -1.44 -3.63
N LEU C 331 -14.64 -2.32 -2.73
CA LEU C 331 -14.01 -1.94 -1.48
C LEU C 331 -12.50 -1.72 -1.72
N GLN C 332 -11.85 -2.64 -2.49
CA GLN C 332 -10.45 -2.58 -2.88
C GLN C 332 -10.27 -1.22 -3.53
N GLU C 333 -11.22 -0.82 -4.43
CA GLU C 333 -11.23 0.45 -5.15
C GLU C 333 -11.50 1.66 -4.26
N ALA C 334 -12.47 1.56 -3.32
CA ALA C 334 -12.81 2.62 -2.37
C ALA C 334 -11.62 2.92 -1.45
N GLN C 335 -10.79 1.89 -1.20
CA GLN C 335 -9.59 1.96 -0.37
C GLN C 335 -8.31 2.26 -1.20
N GLN C 336 -8.43 3.00 -2.35
CA GLN C 336 -7.34 3.47 -3.24
C GLN C 336 -7.88 4.45 -4.28
N ALA D 38 22.47 -36.31 1.71
CA ALA D 38 22.79 -37.46 2.54
C ALA D 38 21.53 -38.09 3.26
N PRO D 39 21.39 -39.45 3.32
CA PRO D 39 20.20 -40.05 3.97
C PRO D 39 20.33 -40.30 5.48
N VAL D 40 19.54 -39.53 6.26
CA VAL D 40 19.57 -39.55 7.72
C VAL D 40 18.66 -40.65 8.34
N ARG D 41 18.94 -41.01 9.61
CA ARG D 41 18.24 -42.03 10.41
C ARG D 41 17.56 -41.37 11.63
N LEU D 42 16.93 -42.21 12.47
CA LEU D 42 16.23 -41.86 13.71
C LEU D 42 17.18 -41.20 14.75
N PRO D 43 16.73 -40.25 15.62
CA PRO D 43 17.64 -39.68 16.65
C PRO D 43 18.12 -40.71 17.69
N PHE D 44 17.32 -41.77 17.89
CA PHE D 44 17.55 -42.88 18.81
C PHE D 44 17.83 -44.19 18.02
N SER D 45 17.63 -45.35 18.67
CA SER D 45 17.79 -46.67 18.07
C SER D 45 16.52 -47.49 18.32
N GLY D 46 15.65 -47.51 17.31
CA GLY D 46 14.40 -48.26 17.33
C GLY D 46 13.29 -47.74 18.21
N PHE D 47 12.07 -47.89 17.73
CA PHE D 47 10.85 -47.43 18.36
C PHE D 47 10.02 -48.59 18.91
N ARG D 48 9.32 -48.36 20.01
CA ARG D 48 8.47 -49.34 20.69
C ARG D 48 7.16 -48.63 21.05
N LEU D 49 6.17 -48.67 20.14
CA LEU D 49 4.88 -48.02 20.29
C LEU D 49 4.16 -48.41 21.55
N GLN D 50 3.89 -47.41 22.38
CA GLN D 50 3.23 -47.52 23.67
C GLN D 50 1.71 -47.37 23.54
N LYS D 51 1.25 -46.16 23.16
CA LYS D 51 -0.16 -45.79 22.96
C LYS D 51 -0.24 -44.78 21.81
N VAL D 52 -1.41 -44.66 21.18
CA VAL D 52 -1.64 -43.72 20.09
C VAL D 52 -2.29 -42.46 20.71
N LEU D 53 -1.63 -41.27 20.63
CA LEU D 53 -2.13 -40.00 21.22
C LEU D 53 -3.41 -39.49 20.54
N ARG D 54 -3.43 -39.45 19.18
CA ARG D 54 -4.55 -39.03 18.31
C ARG D 54 -4.45 -39.82 16.99
N GLU D 55 -5.56 -39.88 16.21
CA GLU D 55 -5.66 -40.51 14.89
C GLU D 55 -6.82 -39.85 14.11
N SER D 56 -6.53 -38.74 13.41
CA SER D 56 -7.54 -38.02 12.62
C SER D 56 -7.57 -38.51 11.17
N ALA D 57 -8.64 -39.25 10.82
CA ALA D 57 -8.88 -39.81 9.49
C ALA D 57 -9.23 -38.71 8.50
N ARG D 58 -9.91 -37.64 8.97
CA ARG D 58 -10.30 -36.45 8.19
C ARG D 58 -9.05 -35.62 7.84
N ASP D 59 -8.11 -35.51 8.80
CA ASP D 59 -6.87 -34.74 8.69
C ASP D 59 -5.68 -35.52 8.08
N LYS D 60 -5.78 -36.87 8.03
CA LYS D 60 -4.74 -37.80 7.53
C LYS D 60 -3.42 -37.61 8.28
N ILE D 61 -3.48 -37.75 9.62
CA ILE D 61 -2.36 -37.58 10.56
C ILE D 61 -2.45 -38.61 11.70
N ILE D 62 -1.29 -39.07 12.22
CA ILE D 62 -1.20 -39.99 13.36
C ILE D 62 -0.15 -39.50 14.40
N PHE D 63 -0.54 -39.52 15.69
CA PHE D 63 0.27 -39.12 16.84
C PHE D 63 0.56 -40.38 17.67
N LEU D 64 1.86 -40.72 17.83
CA LEU D 64 2.28 -41.93 18.54
C LEU D 64 3.37 -41.68 19.59
N HIS D 65 3.31 -42.38 20.75
CA HIS D 65 4.37 -42.33 21.77
C HIS D 65 5.10 -43.70 21.85
N GLY D 66 6.42 -43.66 21.99
CA GLY D 66 7.22 -44.88 22.09
C GLY D 66 8.51 -44.77 22.87
N LYS D 67 8.75 -45.81 23.69
CA LYS D 67 9.95 -45.98 24.51
C LYS D 67 11.13 -46.34 23.58
N VAL D 68 12.30 -45.70 23.78
CA VAL D 68 13.48 -45.90 22.92
C VAL D 68 14.77 -46.20 23.75
N ASN D 69 15.85 -46.70 23.07
CA ASN D 69 17.17 -47.05 23.64
C ASN D 69 17.07 -48.15 24.71
N GLU D 70 16.74 -49.37 24.29
CA GLU D 70 16.59 -50.48 25.23
C GLU D 70 17.26 -51.78 24.78
N GLY D 75 15.95 -52.93 32.13
CA GLY D 75 15.48 -52.28 30.92
C GLY D 75 14.42 -51.23 31.14
N ASP D 76 14.83 -49.93 31.11
CA ASP D 76 13.96 -48.75 31.34
C ASP D 76 13.32 -48.22 30.04
N GLY D 77 13.95 -47.23 29.41
CA GLY D 77 13.44 -46.61 28.20
C GLY D 77 13.03 -45.17 28.40
N GLU D 78 13.44 -44.32 27.47
CA GLU D 78 13.14 -42.89 27.44
C GLU D 78 11.87 -42.65 26.61
N ASP D 79 10.93 -41.86 27.16
CA ASP D 79 9.68 -41.51 26.50
C ASP D 79 9.95 -40.55 25.32
N ALA D 80 9.44 -40.89 24.10
CA ALA D 80 9.60 -40.12 22.85
C ALA D 80 8.31 -40.12 22.01
N VAL D 81 7.98 -38.98 21.35
CA VAL D 81 6.75 -38.85 20.56
C VAL D 81 7.03 -38.64 19.06
N VAL D 82 6.42 -39.47 18.21
CA VAL D 82 6.55 -39.41 16.75
C VAL D 82 5.19 -39.11 16.10
N ILE D 83 5.17 -38.13 15.18
CA ILE D 83 3.99 -37.69 14.45
C ILE D 83 4.21 -37.88 12.94
N LEU D 84 3.23 -38.46 12.23
CA LEU D 84 3.25 -38.69 10.78
C LEU D 84 2.07 -37.97 10.11
N GLU D 85 2.34 -37.14 9.09
CA GLU D 85 1.30 -36.40 8.36
C GLU D 85 1.42 -36.64 6.87
N LYS D 86 0.31 -37.09 6.22
CA LYS D 86 0.27 -37.32 4.77
C LYS D 86 0.34 -35.94 4.11
N THR D 87 1.40 -35.69 3.32
CA THR D 87 1.66 -34.40 2.68
C THR D 87 0.60 -33.99 1.65
N PRO D 88 0.12 -32.71 1.67
CA PRO D 88 -0.86 -32.28 0.66
C PRO D 88 -0.19 -32.15 -0.72
N PHE D 89 -0.92 -32.58 -1.77
CA PHE D 89 -0.54 -32.64 -3.20
C PHE D 89 0.12 -31.35 -3.73
N GLN D 90 1.06 -31.48 -4.71
CA GLN D 90 1.77 -30.37 -5.38
C GLN D 90 1.39 -30.39 -6.89
N VAL D 91 0.51 -29.43 -7.34
CA VAL D 91 -0.09 -29.24 -8.68
C VAL D 91 0.83 -29.80 -9.82
N GLU D 92 2.16 -29.49 -9.76
CA GLU D 92 3.21 -29.90 -10.71
C GLU D 92 3.48 -31.41 -10.76
N GLN D 93 3.69 -32.05 -9.59
CA GLN D 93 4.04 -33.47 -9.47
C GLN D 93 2.85 -34.42 -9.71
N VAL D 94 1.61 -33.89 -9.70
CA VAL D 94 0.34 -34.60 -9.94
C VAL D 94 -0.02 -34.54 -11.45
N ALA D 95 0.00 -33.32 -12.06
CA ALA D 95 -0.29 -33.08 -13.48
C ALA D 95 0.60 -33.91 -14.41
N GLN D 96 1.91 -34.04 -14.06
CA GLN D 96 2.96 -34.78 -14.76
C GLN D 96 2.67 -36.31 -14.83
N LEU D 97 2.24 -36.90 -13.69
CA LEU D 97 1.89 -38.32 -13.60
C LEU D 97 0.56 -38.60 -14.31
N LEU D 98 -0.33 -37.58 -14.39
CA LEU D 98 -1.64 -37.67 -15.03
C LEU D 98 -1.55 -37.83 -16.56
N PRO D 102 0.56 -45.08 -16.38
CA PRO D 102 -0.24 -44.84 -15.16
C PRO D 102 -1.01 -46.09 -14.68
N GLU D 103 -1.12 -46.29 -13.33
CA GLU D 103 -1.82 -47.44 -12.72
C GLU D 103 -2.94 -47.00 -11.75
N LEU D 104 -4.05 -47.76 -11.75
CA LEU D 104 -5.31 -47.55 -11.04
C LEU D 104 -5.97 -48.91 -10.77
N GLN D 105 -6.74 -49.04 -9.67
CA GLN D 105 -7.46 -50.27 -9.28
C GLN D 105 -8.92 -49.90 -8.92
N LEU D 106 -9.88 -50.27 -9.81
CA LEU D 106 -11.31 -49.95 -9.67
C LEU D 106 -11.95 -50.44 -8.37
N GLN D 107 -12.54 -49.47 -7.64
CA GLN D 107 -13.22 -49.59 -6.35
C GLN D 107 -14.76 -49.62 -6.56
N PHE D 108 -15.31 -48.79 -7.50
CA PHE D 108 -16.76 -48.69 -7.80
C PHE D 108 -17.14 -48.64 -9.30
N SER D 109 -18.40 -49.02 -9.62
CA SER D 109 -18.96 -49.01 -10.97
C SER D 109 -20.28 -48.22 -11.05
N ASP D 111 -22.77 -45.53 -12.10
CA ASP D 111 -23.01 -45.43 -13.53
C ASP D 111 -22.09 -44.42 -14.25
N ILE D 112 -21.92 -43.20 -13.66
CA ILE D 112 -21.06 -42.10 -14.18
C ILE D 112 -19.95 -41.73 -13.15
N TYR D 113 -20.13 -42.13 -11.86
CA TYR D 113 -19.20 -41.93 -10.74
C TYR D 113 -18.46 -43.27 -10.41
N SER D 114 -17.12 -43.30 -10.64
CA SER D 114 -16.24 -44.47 -10.42
C SER D 114 -15.00 -44.08 -9.58
N THR D 115 -14.68 -44.90 -8.54
CA THR D 115 -13.52 -44.68 -7.65
C THR D 115 -12.37 -45.65 -7.97
N TYR D 116 -11.12 -45.20 -7.74
CA TYR D 116 -9.90 -45.97 -7.98
C TYR D 116 -8.89 -45.89 -6.83
N HIS D 117 -8.07 -46.94 -6.68
CA HIS D 117 -6.99 -47.00 -5.70
C HIS D 117 -5.70 -46.79 -6.49
N LEU D 118 -4.98 -45.69 -6.22
CA LEU D 118 -3.75 -45.32 -6.95
C LEU D 118 -2.47 -45.45 -6.10
N PHE D 119 -1.34 -45.79 -6.76
CA PHE D 119 -0.02 -45.91 -6.14
C PHE D 119 1.01 -45.10 -6.93
N PRO D 120 1.33 -43.87 -6.45
CA PRO D 120 2.26 -43.00 -7.21
C PRO D 120 3.77 -43.22 -6.96
N PRO D 121 4.70 -42.63 -7.79
CA PRO D 121 6.15 -42.83 -7.54
C PRO D 121 6.67 -42.12 -6.28
N ARG D 122 7.96 -42.36 -5.91
CA ARG D 122 8.65 -41.81 -4.73
C ARG D 122 8.40 -40.31 -4.47
N GLN D 123 8.50 -39.47 -5.53
CA GLN D 123 8.31 -38.02 -5.57
C GLN D 123 6.99 -37.52 -4.92
N LEU D 124 5.92 -38.33 -5.00
CA LEU D 124 4.57 -38.06 -4.47
C LEU D 124 4.24 -38.87 -3.19
N ASN D 125 5.22 -39.65 -2.68
CA ASN D 125 5.10 -40.49 -1.49
C ASN D 125 5.61 -39.84 -0.17
N ASP D 126 5.80 -38.51 -0.16
CA ASP D 126 6.28 -37.78 1.03
C ASP D 126 5.28 -37.77 2.22
N VAL D 127 5.83 -37.92 3.45
CA VAL D 127 5.10 -37.92 4.73
C VAL D 127 5.91 -37.08 5.73
N LYS D 128 5.22 -36.16 6.44
CA LYS D 128 5.79 -35.27 7.46
C LYS D 128 6.01 -36.06 8.76
N THR D 129 7.27 -36.32 9.11
CA THR D 129 7.65 -37.05 10.32
C THR D 129 8.24 -36.10 11.37
N THR D 130 7.38 -35.63 12.30
CA THR D 130 7.81 -34.74 13.37
C THR D 130 8.16 -35.60 14.59
N VAL D 131 9.42 -35.50 15.05
CA VAL D 131 9.91 -36.29 16.18
C VAL D 131 10.26 -35.39 17.36
N VAL D 132 9.72 -35.73 18.55
CA VAL D 132 9.99 -35.03 19.82
C VAL D 132 10.71 -36.05 20.71
N TYR D 133 12.04 -35.92 20.83
CA TYR D 133 12.86 -36.83 21.63
C TYR D 133 13.85 -36.06 22.53
N PRO D 134 13.70 -36.08 23.88
CA PRO D 134 12.70 -36.84 24.67
C PRO D 134 11.36 -36.12 24.90
N ALA D 135 10.35 -36.89 25.28
CA ALA D 135 9.00 -36.38 25.53
C ALA D 135 8.70 -36.35 27.00
N THR D 136 8.04 -35.28 27.44
CA THR D 136 7.59 -35.06 28.81
C THR D 136 6.12 -35.46 28.96
N GLU D 137 5.62 -35.51 30.20
CA GLU D 137 4.22 -35.82 30.47
C GLU D 137 3.29 -34.70 29.99
N LYS D 138 3.76 -33.43 30.00
CA LYS D 138 2.99 -32.27 29.50
C LYS D 138 2.85 -32.30 27.97
N HIS D 139 3.84 -32.91 27.28
CA HIS D 139 3.88 -33.09 25.82
C HIS D 139 2.88 -34.16 25.37
N LEU D 140 2.72 -35.22 26.19
CA LEU D 140 1.80 -36.34 25.91
C LEU D 140 0.33 -35.90 26.04
N GLN D 141 -0.03 -35.22 27.15
CA GLN D 141 -1.37 -34.70 27.46
C GLN D 141 -1.89 -33.71 26.43
N LYS D 142 -0.96 -32.95 25.80
CA LYS D 142 -1.26 -31.97 24.77
C LYS D 142 -1.62 -32.68 23.46
N TYR D 143 -0.76 -33.60 22.95
CA TYR D 143 -0.96 -34.29 21.67
C TYR D 143 -2.13 -35.31 21.69
N LEU D 144 -2.62 -35.66 22.91
CA LEU D 144 -3.75 -36.56 23.14
C LEU D 144 -5.08 -35.92 22.72
N ARG D 145 -6.11 -36.76 22.45
CA ARG D 145 -7.43 -36.30 22.00
C ARG D 145 -8.58 -36.58 23.03
N GLN D 146 -8.91 -35.56 23.87
CA GLN D 146 -9.94 -35.59 24.92
C GLN D 146 -11.03 -34.52 24.75
N ASP D 147 -12.24 -34.81 25.30
CA ASP D 147 -13.45 -33.98 25.27
C ASP D 147 -13.15 -32.51 25.52
N LEU D 148 -13.45 -31.63 24.54
CA LEU D 148 -13.19 -30.20 24.73
C LEU D 148 -14.33 -29.49 25.39
N ARG D 149 -13.98 -28.60 26.32
CA ARG D 149 -14.93 -27.81 27.07
C ARG D 149 -14.52 -26.36 26.95
N LEU D 150 -15.48 -25.51 26.64
CA LEU D 150 -15.30 -24.08 26.49
C LEU D 150 -15.34 -23.41 27.88
N ILE D 151 -14.55 -22.33 28.06
CA ILE D 151 -14.52 -21.55 29.30
C ILE D 151 -14.38 -20.06 28.98
N ARG D 152 -15.14 -19.21 29.70
CA ARG D 152 -15.11 -17.75 29.57
C ARG D 152 -14.40 -17.16 30.80
N GLU D 153 -13.23 -16.54 30.57
CA GLU D 153 -12.35 -15.97 31.59
C GLU D 153 -12.51 -14.47 31.66
N THR D 154 -12.91 -13.93 32.81
CA THR D 154 -13.08 -12.48 32.93
C THR D 154 -11.74 -11.87 33.28
N GLY D 155 -11.72 -10.53 33.38
CA GLY D 155 -10.54 -9.80 33.78
C GLY D 155 -9.93 -10.40 35.03
N ASP D 156 -10.72 -10.43 36.10
CA ASP D 156 -10.35 -10.96 37.40
C ASP D 156 -10.05 -12.48 37.43
N ASP D 157 -10.69 -13.29 36.56
CA ASP D 157 -10.45 -14.73 36.53
C ASP D 157 -9.00 -15.02 36.18
N TYR D 158 -8.44 -14.25 35.24
CA TYR D 158 -7.04 -14.41 34.84
C TYR D 158 -6.14 -14.03 36.02
N ARG D 159 -6.27 -12.77 36.50
CA ARG D 159 -5.52 -12.13 37.58
C ARG D 159 -5.41 -13.02 38.81
N ASN D 160 -6.56 -13.57 39.25
CA ASN D 160 -6.71 -14.38 40.46
C ASN D 160 -6.61 -15.92 40.27
N ILE D 161 -6.85 -16.47 39.05
CA ILE D 161 -6.81 -17.93 38.88
C ILE D 161 -5.81 -18.41 37.84
N THR D 162 -6.01 -18.05 36.56
CA THR D 162 -5.18 -18.50 35.43
C THR D 162 -3.73 -18.13 35.59
N LEU D 163 -3.46 -16.84 35.77
CA LEU D 163 -2.11 -16.30 35.89
C LEU D 163 -1.33 -16.93 37.03
N PRO D 164 -1.84 -17.02 38.29
CA PRO D 164 -1.05 -17.71 39.32
C PRO D 164 -0.75 -19.18 38.98
N HIS D 165 -1.65 -19.83 38.19
CA HIS D 165 -1.51 -21.23 37.76
C HIS D 165 -0.37 -21.37 36.77
N LEU D 166 -0.35 -20.48 35.80
CA LEU D 166 0.68 -20.42 34.77
C LEU D 166 2.06 -20.09 35.36
N GLU D 167 2.09 -19.22 36.39
CA GLU D 167 3.31 -18.87 37.13
C GLU D 167 3.84 -20.09 37.87
N SER D 168 2.96 -21.06 38.22
CA SER D 168 3.33 -22.29 38.92
C SER D 168 4.15 -23.22 38.06
N GLN D 169 3.71 -23.52 36.82
CA GLN D 169 4.45 -24.38 35.90
C GLN D 169 4.10 -24.18 34.45
N SER D 170 5.14 -24.01 33.64
CA SER D 170 5.08 -23.81 32.19
C SER D 170 6.12 -24.71 31.53
N LEU D 171 5.82 -25.18 30.30
CA LEU D 171 6.77 -25.99 29.56
C LEU D 171 7.69 -25.14 28.71
N SER D 172 8.95 -25.57 28.77
CA SER D 172 10.16 -25.18 28.11
C SER D 172 9.93 -24.45 26.80
N ILE D 173 10.42 -23.20 26.74
CA ILE D 173 10.38 -22.35 25.54
C ILE D 173 11.82 -22.07 25.07
N GLN D 174 12.75 -22.94 25.48
CA GLN D 174 14.14 -22.87 25.10
C GLN D 174 14.34 -22.95 23.59
N TRP D 175 13.49 -23.72 22.87
CA TRP D 175 13.56 -23.83 21.41
C TRP D 175 13.35 -22.48 20.75
N VAL D 176 12.40 -21.67 21.28
CA VAL D 176 12.06 -20.30 20.89
C VAL D 176 13.29 -19.43 21.16
N TYR D 177 13.80 -19.46 22.41
CA TYR D 177 14.98 -18.70 22.83
C TYR D 177 16.11 -18.94 21.87
N ASN D 178 16.40 -20.23 21.55
CA ASN D 178 17.44 -20.64 20.62
C ASN D 178 17.25 -20.11 19.20
N ILE D 179 15.98 -20.00 18.75
CA ILE D 179 15.67 -19.44 17.43
C ILE D 179 15.97 -17.95 17.44
N LEU D 180 15.47 -17.21 18.47
CA LEU D 180 15.69 -15.78 18.67
C LEU D 180 17.19 -15.42 18.77
N ASP D 181 18.02 -16.24 19.48
CA ASP D 181 19.45 -15.95 19.62
C ASP D 181 20.30 -16.55 18.45
N LYS D 182 19.62 -17.02 17.37
CA LYS D 182 20.19 -17.62 16.14
C LYS D 182 21.01 -18.90 16.40
N LYS D 183 20.85 -19.49 17.61
CA LYS D 183 21.47 -20.74 18.06
C LYS D 183 20.89 -21.92 17.28
N ALA D 184 19.62 -21.77 16.83
CA ALA D 184 18.89 -22.79 16.09
C ALA D 184 18.09 -22.19 14.96
N GLU D 185 17.82 -23.02 13.91
CA GLU D 185 17.02 -22.71 12.71
C GLU D 185 17.42 -21.40 12.07
N ALA D 186 18.61 -20.91 12.36
CA ALA D 186 19.13 -19.65 11.89
C ALA D 186 18.86 -19.37 10.39
N ASP D 187 19.20 -20.34 9.51
CA ASP D 187 19.01 -20.23 8.05
C ASP D 187 17.56 -20.02 7.60
N ARG D 188 16.61 -20.69 8.27
CA ARG D 188 15.18 -20.63 7.95
C ARG D 188 14.53 -19.24 8.19
N ILE D 189 15.22 -18.31 8.90
CA ILE D 189 14.69 -16.97 9.18
C ILE D 189 14.33 -16.24 7.87
N VAL D 190 13.03 -15.97 7.70
CA VAL D 190 12.45 -15.28 6.54
C VAL D 190 12.64 -13.77 6.73
N PHE D 191 12.42 -13.27 7.95
CA PHE D 191 12.58 -11.85 8.23
C PHE D 191 12.97 -11.58 9.68
N GLU D 192 13.73 -10.48 9.92
CA GLU D 192 14.07 -10.04 11.27
C GLU D 192 14.12 -8.53 11.36
N ASN D 193 13.44 -7.97 12.36
CA ASN D 193 13.52 -6.57 12.75
C ASN D 193 14.18 -6.78 14.13
N PRO D 194 15.51 -6.59 14.23
CA PRO D 194 16.19 -6.98 15.47
C PRO D 194 16.10 -6.01 16.63
N ASP D 195 15.15 -5.03 16.58
CA ASP D 195 14.95 -4.11 17.71
C ASP D 195 14.65 -4.97 18.97
N PRO D 196 15.39 -4.73 20.06
CA PRO D 196 15.19 -5.55 21.28
C PRO D 196 13.77 -5.50 21.87
N SER D 197 13.14 -4.31 21.85
CA SER D 197 11.80 -4.06 22.37
C SER D 197 10.72 -4.34 21.30
N ASP D 198 10.67 -3.48 20.23
CA ASP D 198 9.68 -3.53 19.15
C ASP D 198 10.01 -4.51 18.00
N GLY D 199 11.13 -5.22 18.13
CA GLY D 199 11.58 -6.20 17.15
C GLY D 199 11.00 -7.60 17.26
N PHE D 200 11.03 -8.31 16.09
CA PHE D 200 10.53 -9.68 15.81
C PHE D 200 11.38 -10.51 14.83
N VAL D 201 11.12 -11.83 14.80
CA VAL D 201 11.73 -12.79 13.88
C VAL D 201 10.59 -13.57 13.23
N LEU D 202 10.63 -13.66 11.91
CA LEU D 202 9.64 -14.38 11.11
C LEU D 202 10.25 -15.63 10.42
N ILE D 203 10.02 -16.82 11.01
CA ILE D 203 10.46 -18.14 10.50
C ILE D 203 9.22 -18.87 10.00
N PRO D 204 9.32 -19.77 9.00
CA PRO D 204 8.14 -20.56 8.63
C PRO D 204 7.97 -21.62 9.69
N ASP D 205 6.73 -21.70 10.18
CA ASP D 205 6.33 -22.56 11.26
C ASP D 205 6.93 -23.95 11.23
N LEU D 206 7.28 -24.43 12.42
CA LEU D 206 7.85 -25.74 12.73
C LEU D 206 7.16 -26.95 11.98
N LYS D 207 5.90 -26.75 11.45
CA LYS D 207 5.09 -27.79 10.75
C LYS D 207 5.22 -27.84 9.18
N TRP D 208 5.08 -26.67 8.48
CA TRP D 208 5.08 -26.44 7.02
C TRP D 208 6.33 -26.98 6.33
N ASN D 209 6.09 -27.84 5.29
CA ASN D 209 7.10 -28.49 4.44
C ASN D 209 7.63 -27.56 3.37
N GLN D 210 7.02 -26.36 3.22
CA GLN D 210 7.38 -25.30 2.26
C GLN D 210 7.33 -25.74 0.79
N GLN D 211 6.65 -26.84 0.46
CA GLN D 211 6.64 -27.33 -0.92
C GLN D 211 5.48 -26.77 -1.77
N GLN D 212 4.61 -25.97 -1.14
CA GLN D 212 3.42 -25.37 -1.76
C GLN D 212 2.93 -24.18 -0.96
N LEU D 213 2.24 -23.26 -1.63
CA LEU D 213 1.69 -22.06 -1.01
C LEU D 213 0.39 -22.29 -0.28
N ASP D 214 -0.43 -23.25 -0.75
CA ASP D 214 -1.75 -23.61 -0.23
C ASP D 214 -1.81 -23.67 1.31
N ASP D 215 -0.82 -24.34 1.94
CA ASP D 215 -0.71 -24.54 3.39
C ASP D 215 0.35 -23.64 4.06
N LEU D 216 0.52 -22.43 3.54
CA LEU D 216 1.51 -21.47 4.05
C LEU D 216 1.32 -21.16 5.53
N TYR D 217 2.39 -21.44 6.29
CA TYR D 217 2.45 -21.19 7.71
C TYR D 217 3.70 -20.47 8.12
N LEU D 218 3.53 -19.40 8.86
CA LEU D 218 4.64 -18.65 9.41
C LEU D 218 4.42 -18.30 10.88
N ILE D 219 5.54 -18.03 11.57
CA ILE D 219 5.55 -17.70 12.99
C ILE D 219 6.50 -16.47 13.31
N ALA D 220 5.86 -15.35 13.70
CA ALA D 220 6.48 -14.08 14.07
C ALA D 220 6.65 -14.09 15.55
N ILE D 221 7.89 -14.23 16.01
CA ILE D 221 8.18 -14.26 17.45
C ILE D 221 8.85 -12.96 17.80
N CYS D 222 8.31 -12.26 18.81
CA CYS D 222 8.87 -10.99 19.25
C CYS D 222 10.19 -11.21 19.99
N HIS D 223 11.15 -10.28 19.81
CA HIS D 223 12.47 -10.33 20.43
C HIS D 223 12.41 -10.06 21.90
N ARG D 224 11.44 -9.25 22.30
CA ARG D 224 11.21 -8.84 23.67
C ARG D 224 10.69 -10.02 24.49
N ARG D 225 11.53 -10.57 25.39
CA ARG D 225 11.14 -11.69 26.27
C ARG D 225 10.19 -11.14 27.33
N GLY D 226 9.19 -11.91 27.74
CA GLY D 226 8.29 -11.42 28.76
C GLY D 226 6.83 -11.33 28.39
N ILE D 227 6.50 -11.09 27.11
CA ILE D 227 5.08 -11.06 26.76
C ILE D 227 4.65 -12.52 26.64
N ARG D 228 3.90 -13.02 27.65
CA ARG D 228 3.45 -14.41 27.76
C ARG D 228 2.34 -14.68 26.75
N SER D 229 1.19 -14.00 26.94
CA SER D 229 0.00 -14.17 26.13
C SER D 229 -0.64 -12.83 25.79
N LEU D 230 -1.76 -12.89 25.03
CA LEU D 230 -2.62 -11.80 24.58
C LEU D 230 -3.09 -10.89 25.75
N ARG D 231 -3.12 -11.43 26.97
CA ARG D 231 -3.51 -10.74 28.21
C ARG D 231 -2.43 -9.79 28.77
N ASP D 232 -1.15 -9.97 28.35
CA ASP D 232 -0.01 -9.18 28.80
C ASP D 232 0.10 -7.85 28.05
N LEU D 233 -0.69 -7.71 26.96
CA LEU D 233 -0.72 -6.58 26.01
C LEU D 233 -1.38 -5.28 26.49
N THR D 234 -0.58 -4.21 26.50
CA THR D 234 -0.97 -2.84 26.87
C THR D 234 -0.56 -1.88 25.71
N PRO D 235 -1.04 -0.63 25.66
CA PRO D 235 -0.63 0.26 24.57
C PRO D 235 0.88 0.38 24.32
N GLU D 236 1.76 0.14 25.34
CA GLU D 236 3.23 0.18 25.18
C GLU D 236 3.73 -0.90 24.16
N HIS D 237 2.93 -1.94 23.97
CA HIS D 237 3.27 -3.01 23.04
C HIS D 237 2.87 -2.67 21.60
N LEU D 238 1.86 -1.76 21.40
CA LEU D 238 1.33 -1.31 20.09
C LEU D 238 2.36 -1.19 18.97
N PRO D 239 3.54 -0.54 19.14
CA PRO D 239 4.49 -0.48 18.01
C PRO D 239 5.02 -1.86 17.63
N LEU D 240 5.29 -2.72 18.63
CA LEU D 240 5.78 -4.07 18.43
C LEU D 240 4.80 -4.88 17.57
N LEU D 241 3.52 -4.71 17.81
CA LEU D 241 2.48 -5.41 17.06
C LEU D 241 2.33 -4.90 15.61
N ARG D 242 2.31 -3.57 15.41
CA ARG D 242 2.16 -2.93 14.10
C ARG D 242 3.29 -3.34 13.15
N ASN D 243 4.51 -3.45 13.73
CA ASN D 243 5.74 -3.86 13.06
C ASN D 243 5.56 -5.31 12.63
N ILE D 244 4.84 -6.09 13.44
CA ILE D 244 4.59 -7.45 13.04
C ILE D 244 3.51 -7.45 11.93
N LEU D 245 2.34 -6.81 12.17
CA LEU D 245 1.24 -6.75 11.19
C LEU D 245 1.71 -6.43 9.78
N HIS D 246 2.34 -5.24 9.58
CA HIS D 246 2.82 -4.75 8.27
C HIS D 246 4.11 -5.33 7.78
N GLN D 247 5.22 -5.20 8.54
CA GLN D 247 6.52 -5.75 8.08
C GLN D 247 6.47 -7.25 7.87
N GLY D 248 5.59 -7.92 8.59
CA GLY D 248 5.45 -9.35 8.43
C GLY D 248 4.99 -9.73 7.04
N GLN D 249 3.79 -9.24 6.69
CA GLN D 249 3.09 -9.42 5.41
C GLN D 249 3.97 -9.02 4.22
N GLU D 250 4.84 -8.02 4.44
CA GLU D 250 5.78 -7.50 3.47
C GLU D 250 6.98 -8.47 3.34
N ALA D 251 7.37 -9.20 4.42
CA ALA D 251 8.44 -10.22 4.35
C ALA D 251 7.93 -11.38 3.52
N ILE D 252 6.66 -11.69 3.75
CA ILE D 252 5.94 -12.73 3.05
C ILE D 252 5.79 -12.38 1.57
N LEU D 253 5.36 -11.14 1.27
CA LEU D 253 5.19 -10.70 -0.11
C LEU D 253 6.52 -10.62 -0.87
N GLN D 254 7.66 -10.54 -0.17
CA GLN D 254 8.96 -10.48 -0.82
C GLN D 254 9.42 -11.88 -1.15
N ARG D 255 9.38 -12.78 -0.14
CA ARG D 255 9.89 -14.15 -0.24
C ARG D 255 8.94 -15.14 -0.90
N TYR D 256 7.65 -14.91 -0.76
CA TYR D 256 6.65 -15.83 -1.30
C TYR D 256 5.69 -15.18 -2.29
N ARG D 257 5.87 -13.87 -2.54
CA ARG D 257 5.06 -13.06 -3.45
C ARG D 257 3.58 -13.28 -3.20
N MET D 258 3.21 -13.25 -1.90
CA MET D 258 1.85 -13.45 -1.48
C MET D 258 1.30 -12.18 -0.82
N LYS D 259 0.32 -11.58 -1.49
CA LYS D 259 -0.38 -10.37 -1.10
C LYS D 259 -1.07 -10.54 0.26
N GLY D 260 -1.30 -9.40 0.91
CA GLY D 260 -2.01 -9.33 2.17
C GLY D 260 -3.39 -9.93 2.13
N ASP D 261 -4.15 -9.69 1.04
CA ASP D 261 -5.51 -10.20 0.87
C ASP D 261 -5.56 -11.75 0.84
N HIS D 262 -4.41 -12.43 0.75
CA HIS D 262 -4.44 -13.90 0.84
C HIS D 262 -3.97 -14.36 2.23
N LEU D 263 -3.97 -13.46 3.24
CA LEU D 263 -3.41 -13.87 4.53
C LEU D 263 -4.22 -13.56 5.79
N ARG D 264 -4.30 -14.60 6.64
CA ARG D 264 -4.92 -14.64 7.96
C ARG D 264 -3.80 -14.39 9.00
N VAL D 265 -3.81 -13.21 9.67
CA VAL D 265 -2.83 -12.81 10.70
C VAL D 265 -3.48 -12.78 12.09
N TYR D 266 -3.33 -13.89 12.83
CA TYR D 266 -3.97 -14.07 14.12
C TYR D 266 -3.02 -14.46 15.24
N LEU D 267 -3.52 -14.31 16.48
CA LEU D 267 -2.87 -14.61 17.74
C LEU D 267 -3.66 -15.74 18.40
N HIS D 268 -3.00 -16.59 19.19
CA HIS D 268 -3.76 -17.63 19.89
C HIS D 268 -4.07 -17.29 21.33
N TYR D 269 -5.22 -17.73 21.82
CA TYR D 269 -5.62 -17.59 23.21
C TYR D 269 -6.62 -18.64 23.56
N LEU D 270 -6.28 -19.61 24.46
CA LEU D 270 -5.03 -19.78 25.21
C LEU D 270 -3.89 -20.29 24.31
N PRO D 271 -2.73 -19.58 24.26
CA PRO D 271 -1.71 -19.92 23.26
C PRO D 271 -1.04 -21.27 23.38
N SER D 272 -0.31 -21.54 22.31
CA SER D 272 0.52 -22.71 22.05
C SER D 272 1.59 -22.80 23.20
N TYR D 273 2.42 -21.72 23.33
CA TYR D 273 3.52 -21.49 24.30
C TYR D 273 3.49 -20.02 24.82
N TYR D 274 3.75 -19.81 26.13
CA TYR D 274 3.59 -18.46 26.68
C TYR D 274 4.77 -17.55 26.43
N HIS D 275 4.84 -17.10 25.17
CA HIS D 275 5.77 -16.11 24.62
C HIS D 275 5.28 -15.61 23.25
N LEU D 276 4.63 -14.41 23.25
CA LEU D 276 3.97 -13.76 22.12
C LEU D 276 4.58 -14.09 20.80
N HIS D 277 3.76 -14.72 19.96
CA HIS D 277 4.05 -15.25 18.64
C HIS D 277 2.82 -14.98 17.76
N VAL D 278 3.03 -14.58 16.50
CA VAL D 278 1.90 -14.28 15.62
C VAL D 278 1.81 -15.31 14.50
N HIS D 279 0.61 -15.88 14.28
CA HIS D 279 0.37 -16.81 13.20
C HIS D 279 0.06 -16.04 11.96
N PHE D 280 0.62 -16.52 10.86
CA PHE D 280 0.46 -15.96 9.53
C PHE D 280 0.12 -17.15 8.64
N THR D 281 -1.18 -17.43 8.47
CA THR D 281 -1.62 -18.56 7.65
C THR D 281 -2.26 -18.11 6.37
N ALA D 282 -2.09 -18.92 5.30
CA ALA D 282 -2.71 -18.75 3.98
C ALA D 282 -4.21 -18.82 4.21
N LEU D 283 -4.97 -17.91 3.58
CA LEU D 283 -6.41 -17.78 3.80
C LEU D 283 -7.22 -19.03 3.48
N GLY D 284 -6.98 -19.66 2.32
CA GLY D 284 -7.68 -20.85 1.87
C GLY D 284 -7.51 -22.10 2.72
N PHE D 285 -6.39 -22.14 3.46
CA PHE D 285 -5.96 -23.20 4.36
C PHE D 285 -6.79 -23.12 5.62
N GLU D 286 -7.54 -24.19 5.91
CA GLU D 286 -8.37 -24.16 7.11
C GLU D 286 -7.53 -24.66 8.29
N ALA D 287 -6.51 -23.82 8.62
CA ALA D 287 -5.47 -23.90 9.64
C ALA D 287 -5.97 -24.30 11.03
N PRO D 288 -5.40 -25.36 11.65
CA PRO D 288 -5.79 -25.71 13.03
C PRO D 288 -5.30 -24.58 13.95
N GLY D 289 -6.27 -23.77 14.36
CA GLY D 289 -6.05 -22.59 15.17
C GLY D 289 -6.77 -21.36 14.67
N SER D 290 -7.46 -21.47 13.52
CA SER D 290 -8.26 -20.37 12.95
C SER D 290 -9.65 -20.31 13.61
N GLY D 291 -9.97 -21.29 14.49
CA GLY D 291 -11.21 -21.37 15.24
C GLY D 291 -11.43 -20.17 16.14
N VAL D 292 -12.61 -19.53 16.01
CA VAL D 292 -13.12 -18.33 16.71
C VAL D 292 -12.88 -18.39 18.26
N GLU D 293 -12.93 -19.60 18.83
CA GLU D 293 -12.72 -19.86 20.25
C GLU D 293 -11.22 -19.83 20.64
N ARG D 294 -10.32 -19.38 19.74
CA ARG D 294 -8.87 -19.35 19.99
C ARG D 294 -8.15 -18.21 19.28
N ALA D 295 -8.46 -18.01 18.00
CA ALA D 295 -7.85 -16.97 17.17
C ALA D 295 -8.38 -15.57 17.47
N HIS D 296 -7.46 -14.56 17.38
CA HIS D 296 -7.69 -13.12 17.56
C HIS D 296 -6.89 -12.41 16.52
N LEU D 297 -7.57 -11.80 15.54
CA LEU D 297 -6.88 -11.09 14.44
C LEU D 297 -6.01 -9.92 14.94
N LEU D 298 -4.72 -9.92 14.55
CA LEU D 298 -3.77 -8.90 14.98
C LEU D 298 -4.31 -7.50 14.70
N ALA D 299 -4.96 -7.34 13.50
CA ALA D 299 -5.58 -6.11 12.97
C ALA D 299 -6.52 -5.47 13.98
N GLU D 300 -7.28 -6.35 14.68
CA GLU D 300 -8.25 -5.98 15.69
C GLU D 300 -7.63 -5.88 17.07
N VAL D 301 -6.72 -6.82 17.46
CA VAL D 301 -5.99 -6.74 18.75
C VAL D 301 -5.38 -5.32 18.86
N ILE D 302 -4.85 -4.78 17.72
CA ILE D 302 -4.28 -3.42 17.63
C ILE D 302 -5.37 -2.35 17.74
N GLU D 303 -6.44 -2.46 16.91
CA GLU D 303 -7.58 -1.52 16.94
C GLU D 303 -8.23 -1.40 18.32
N ASN D 304 -8.32 -2.51 19.10
CA ASN D 304 -8.86 -2.48 20.46
C ASN D 304 -7.95 -1.70 21.42
N LEU D 305 -6.61 -2.01 21.45
CA LEU D 305 -5.66 -1.35 22.35
C LEU D 305 -5.61 0.10 22.07
N GLU D 306 -5.94 0.47 20.84
CA GLU D 306 -6.00 1.86 20.40
C GLU D 306 -7.21 2.52 21.06
N CYS D 307 -8.34 1.80 21.09
CA CYS D 307 -9.58 2.25 21.70
C CYS D 307 -9.50 2.15 23.23
N ASP D 308 -9.68 0.93 23.79
CA ASP D 308 -9.58 0.70 25.24
C ASP D 308 -8.15 0.26 25.59
N PRO D 309 -7.37 1.10 26.32
CA PRO D 309 -6.00 0.70 26.70
C PRO D 309 -5.93 -0.53 27.61
N ARG D 310 -6.85 -0.61 28.58
CA ARG D 310 -6.94 -1.69 29.56
C ARG D 310 -7.79 -2.87 29.02
N HIS D 311 -8.10 -2.88 27.70
CA HIS D 311 -8.97 -3.87 27.04
C HIS D 311 -8.66 -5.33 27.36
N TYR D 312 -7.49 -5.84 26.91
CA TYR D 312 -7.13 -7.26 27.09
C TYR D 312 -6.81 -7.67 28.57
N GLN D 313 -6.79 -6.68 29.49
CA GLN D 313 -6.54 -6.85 30.92
C GLN D 313 -7.86 -7.00 31.68
N GLN D 314 -8.96 -6.41 31.17
CA GLN D 314 -10.27 -6.45 31.84
C GLN D 314 -11.34 -7.24 31.11
N ARG D 315 -11.33 -7.20 29.75
CA ARG D 315 -12.39 -7.82 28.94
C ARG D 315 -12.40 -9.37 28.99
N THR D 316 -13.61 -9.94 29.07
CA THR D 316 -13.82 -11.38 29.15
C THR D 316 -13.48 -12.10 27.83
N LEU D 317 -12.48 -13.01 27.90
CA LEU D 317 -12.00 -13.84 26.78
C LEU D 317 -12.55 -15.30 26.87
N THR D 318 -12.93 -15.84 25.72
CA THR D 318 -13.45 -17.19 25.54
C THR D 318 -12.39 -18.05 24.82
N PHE D 319 -12.23 -19.29 25.31
CA PHE D 319 -11.32 -20.32 24.81
C PHE D 319 -11.74 -21.68 25.33
N ALA D 320 -11.34 -22.75 24.64
CA ALA D 320 -11.66 -24.10 25.09
C ALA D 320 -10.46 -24.73 25.78
N LEU D 321 -10.70 -25.77 26.61
CA LEU D 321 -9.70 -26.53 27.35
C LEU D 321 -10.03 -28.03 27.35
N ARG D 322 -8.98 -28.86 27.42
CA ARG D 322 -9.07 -30.32 27.47
C ARG D 322 -9.79 -30.67 28.73
N ALA D 323 -10.62 -31.72 28.69
CA ALA D 323 -11.36 -32.17 29.87
C ALA D 323 -10.35 -32.52 30.96
N ASP D 324 -9.24 -33.17 30.56
CA ASP D 324 -8.13 -33.57 31.43
C ASP D 324 -7.37 -32.35 32.03
N ASP D 325 -7.30 -31.20 31.32
CA ASP D 325 -6.61 -30.01 31.81
C ASP D 325 -7.08 -29.62 33.23
N PRO D 326 -6.15 -29.43 34.19
CA PRO D 326 -6.55 -29.09 35.57
C PRO D 326 -7.06 -27.65 35.73
N LEU D 327 -6.53 -26.71 34.91
CA LEU D 327 -6.92 -25.29 34.90
C LEU D 327 -8.43 -25.16 34.67
N LEU D 328 -8.97 -25.95 33.71
CA LEU D 328 -10.39 -26.00 33.37
C LEU D 328 -11.20 -26.12 34.64
N LYS D 329 -10.85 -27.11 35.53
CA LYS D 329 -11.54 -27.37 36.80
C LYS D 329 -11.37 -26.22 37.81
N LEU D 330 -10.20 -25.56 37.82
CA LEU D 330 -9.89 -24.42 38.70
C LEU D 330 -10.78 -23.20 38.43
N LEU D 331 -11.17 -23.02 37.14
CA LEU D 331 -12.04 -21.93 36.69
C LEU D 331 -13.51 -22.33 36.91
N GLN D 332 -13.88 -23.57 36.54
CA GLN D 332 -15.20 -24.16 36.75
C GLN D 332 -15.52 -24.00 38.22
N GLU D 333 -14.53 -24.30 39.11
CA GLU D 333 -14.64 -24.19 40.58
C GLU D 333 -14.71 -22.75 41.08
N ALA D 334 -13.89 -21.84 40.52
CA ALA D 334 -13.87 -20.41 40.88
C ALA D 334 -15.22 -19.75 40.52
N GLN D 335 -15.88 -20.29 39.48
CA GLN D 335 -17.18 -19.86 38.99
C GLN D 335 -18.37 -20.65 39.64
N GLN D 336 -18.20 -21.15 40.89
CA GLN D 336 -19.21 -21.87 41.72
C GLN D 336 -18.68 -22.03 43.16
N SER D 337 -18.34 -20.86 43.73
CA SER D 337 -17.83 -20.55 45.06
C SER D 337 -18.00 -19.03 45.22
#